data_8AYX
#
_entry.id   8AYX
#
_cell.length_a   1.00
_cell.length_b   1.00
_cell.length_c   1.00
_cell.angle_alpha   90.00
_cell.angle_beta   90.00
_cell.angle_gamma   90.00
#
_symmetry.space_group_name_H-M   'P 1'
#
loop_
_entity.id
_entity.type
_entity.pdbx_description
1 polymer 'Capsid protein, VP1'
2 polymer 'Capsid protein, VP0'
3 polymer 'Capsid protein, VP3'
4 non-polymer 1-[(3S)-5-[4-[(E)-ETHOXYIMINOMETHYL]PHENOXY]-3-METHYL-PENTYL]-3-PYRIDIN-4-YL-IMIDAZOLIDIN-2-ONE
5 non-polymer GLUTATHIONE
#
loop_
_entity_poly.entity_id
_entity_poly.type
_entity_poly.pdbx_seq_one_letter_code
_entity_poly.pdbx_strand_id
1 'polypeptide(L)'
;GIEDLITEVAQGALTLSLPKQQDSLPDTKASGPAHSKEVPALTAVETGATNPLVPSDTVQTRHVIQRRSRSESTIESFFA
RGACVAIIEVDNEEPTTRAQKLFAMWRITYKDTVQLRRKLEFFTYSRFDMELTFVVTANFTNTNNGHALNQVYQIMYIPP
GAPTPKSWDDYTWQTSSNPSIFYTYGAAPARISVPYVGLANAYSHFYDGFAKVPLKTDANDQIGDSLYSAMTVDDFGVLA
IRVVNDHNPTKVTSKVRIYMKPKHVRVWCPRPPRAVPYYGPGVDYKDNLNPLSEKGLTTY
;
A
2 'polypeptide(L)'
;MGAQVSSQKVGAHENSNRAYGGSTINYTTINYYKDSASNAASKQDYSQDPSKFTEPLKDVLIKTAPALNSPNVEACGYSD
RVLQLTIGNSTITTQEAANSVVAYGRWPEFIRDDEANPVDQPTEPDVATCRFYTLDTVMWGKESKGWWWKLPDALRDMGL
FGQNMYYHYLGRSGYTVHVQCNASKFHQGALGVFAIPEYCLAGDSDKQRYTSYANANPGEKGGKFYSQFNRDTAVTSPKR
EFCPVDYLLGCGVLLGNAFVYPHQIINLRTNNSATIVLPYVNAMAIDSMVKHNNWGIAILPLSPLDFAQESSVEIPITVT
IAPMCSEFNGLRNVTAPKFQ
;
B
3 'polypeptide(L)'
;GLPVLNTPGSNQYLTSDNYQSPCAIPEFDVTPPIDIPGEVKNMMELAEIDTMIPLNLENTKRNTMDMYRVTLSDSADLSQ
PILCFSLSPASDPRLSHTMLGEVLNYYTHWAGSLKFTFLFCGSMMATGKILVAYAPPGAQPPTSRKEAMLGTHVIWDLGL
QSSCTMVVPWISNVTYRQTTQDSFTEGGYISMFYQTRIVVPLSTPKSMSMLGFVSACNDFSVRLLRDTTHISQSALPQ
;
C
#
# COMPACT_ATOMS: atom_id res chain seq x y z
N GLN A 66 12.47 -18.13 -29.23
CA GLN A 66 12.38 -18.15 -27.77
C GLN A 66 11.02 -17.63 -27.31
N ARG A 67 10.87 -17.47 -26.00
CA ARG A 67 9.64 -16.95 -25.40
C ARG A 67 9.96 -15.72 -24.55
N ARG A 68 8.96 -14.87 -24.39
CA ARG A 68 9.14 -13.63 -23.66
C ARG A 68 9.53 -13.90 -22.21
N SER A 69 10.40 -13.06 -21.67
CA SER A 69 10.93 -13.21 -20.33
C SER A 69 10.43 -12.09 -19.43
N ARG A 70 10.67 -12.25 -18.14
CA ARG A 70 10.28 -11.30 -17.11
C ARG A 70 11.49 -10.73 -16.40
N SER A 71 12.57 -10.51 -17.15
CA SER A 71 13.82 -10.05 -16.54
C SER A 71 13.67 -8.66 -15.94
N GLU A 72 12.97 -7.77 -16.63
CA GLU A 72 12.89 -6.37 -16.22
C GLU A 72 11.78 -6.10 -15.20
N SER A 73 10.96 -7.10 -14.89
CA SER A 73 9.88 -6.94 -13.91
C SER A 73 10.30 -7.39 -12.52
N THR A 74 11.57 -7.77 -12.33
CA THR A 74 12.04 -8.18 -11.01
C THR A 74 12.08 -6.99 -10.06
N ILE A 75 12.15 -7.29 -8.77
CA ILE A 75 12.21 -6.25 -7.75
C ILE A 75 13.49 -5.43 -7.92
N GLU A 76 14.61 -6.10 -8.17
CA GLU A 76 15.88 -5.39 -8.32
C GLU A 76 15.83 -4.42 -9.49
N SER A 77 15.33 -4.87 -10.64
CA SER A 77 15.22 -4.00 -11.81
C SER A 77 14.23 -2.87 -11.55
N PHE A 78 13.11 -3.18 -10.88
CA PHE A 78 12.09 -2.17 -10.64
C PHE A 78 12.62 -1.00 -9.82
N PHE A 79 13.62 -1.26 -8.95
CA PHE A 79 14.19 -0.24 -8.10
C PHE A 79 15.61 0.16 -8.51
N ALA A 80 16.07 -0.29 -9.68
CA ALA A 80 17.44 -0.01 -10.12
C ALA A 80 17.50 1.33 -10.87
N ARG A 81 17.15 2.38 -10.14
CA ARG A 81 17.16 3.73 -10.68
C ARG A 81 17.49 4.72 -9.58
N GLY A 82 18.25 5.76 -9.92
CA GLY A 82 18.53 6.83 -8.99
C GLY A 82 17.44 7.88 -8.98
N ALA A 83 16.81 8.07 -7.81
CA ALA A 83 15.69 8.98 -7.66
C ALA A 83 16.06 10.10 -6.71
N CYS A 84 15.76 11.34 -7.11
CA CYS A 84 16.03 12.49 -6.26
C CYS A 84 15.17 12.42 -5.00
N VAL A 85 15.76 12.77 -3.86
CA VAL A 85 15.06 12.70 -2.59
C VAL A 85 15.25 14.00 -1.82
N ALA A 86 16.17 14.86 -2.26
CA ALA A 86 16.44 16.08 -1.52
C ALA A 86 17.16 17.14 -2.35
N ILE A 87 16.70 18.38 -2.23
CA ILE A 87 17.37 19.56 -2.76
C ILE A 87 17.68 20.46 -1.58
N ILE A 88 18.96 20.80 -1.40
CA ILE A 88 19.42 21.54 -0.25
C ILE A 88 20.21 22.75 -0.70
N GLU A 89 19.99 23.89 -0.05
CA GLU A 89 20.60 25.15 -0.42
C GLU A 89 21.69 25.52 0.58
N VAL A 90 22.85 25.95 0.07
CA VAL A 90 23.94 26.41 0.91
C VAL A 90 24.56 27.65 0.26
N ASP A 91 24.82 28.67 1.06
CA ASP A 91 25.33 29.94 0.58
C ASP A 91 26.67 30.25 1.23
N ASN A 92 27.51 31.00 0.51
CA ASN A 92 28.78 31.48 1.01
C ASN A 92 28.82 32.99 0.85
N GLU A 93 28.98 33.68 1.98
CA GLU A 93 29.00 35.13 2.02
C GLU A 93 29.58 35.57 3.36
N GLU A 94 29.67 36.89 3.54
CA GLU A 94 30.22 37.42 4.78
C GLU A 94 29.24 37.16 5.92
N PRO A 95 29.67 36.55 7.03
CA PRO A 95 28.73 36.32 8.13
C PRO A 95 28.21 37.62 8.72
N THR A 96 26.96 37.58 9.17
CA THR A 96 26.30 38.76 9.73
C THR A 96 25.42 38.32 10.89
N THR A 97 24.91 39.32 11.62
CA THR A 97 24.10 39.04 12.81
C THR A 97 22.81 38.33 12.42
N ARG A 98 22.19 38.73 11.31
CA ARG A 98 20.90 38.17 10.94
C ARG A 98 21.06 36.74 10.41
N ALA A 99 19.93 36.10 10.17
CA ALA A 99 19.93 34.70 9.75
C ALA A 99 20.62 34.53 8.41
N GLN A 100 21.29 33.39 8.25
CA GLN A 100 22.04 33.08 7.03
C GLN A 100 21.96 31.59 6.76
N LYS A 101 22.42 31.20 5.58
CA LYS A 101 22.41 29.82 5.13
C LYS A 101 23.84 29.29 4.95
N LEU A 102 24.73 29.65 5.88
CA LEU A 102 26.12 29.23 5.77
C LEU A 102 26.25 27.71 5.81
N PHE A 103 25.51 27.07 6.71
CA PHE A 103 25.48 25.61 6.80
C PHE A 103 24.03 25.15 6.88
N ALA A 104 23.78 23.94 6.38
CA ALA A 104 22.44 23.39 6.32
C ALA A 104 22.42 21.99 6.90
N MET A 105 21.26 21.61 7.45
CA MET A 105 21.05 20.27 7.99
C MET A 105 19.76 19.70 7.39
N TRP A 106 19.84 18.47 6.89
CA TRP A 106 18.71 17.79 6.27
C TRP A 106 18.48 16.47 6.97
N ARG A 107 17.22 16.21 7.31
CA ARG A 107 16.84 14.96 7.97
C ARG A 107 16.63 13.88 6.93
N ILE A 108 17.29 12.73 7.14
CA ILE A 108 17.31 11.69 6.12
C ILE A 108 15.95 10.99 6.06
N THR A 109 15.42 10.85 4.85
CA THR A 109 14.15 10.18 4.60
C THR A 109 13.93 10.16 3.09
N TYR A 110 12.92 9.40 2.67
CA TYR A 110 12.54 9.34 1.27
C TYR A 110 11.12 9.85 1.03
N LYS A 111 10.49 10.44 2.04
CA LYS A 111 9.11 10.91 1.92
C LYS A 111 9.00 12.36 1.49
N ASP A 112 10.13 13.05 1.32
CA ASP A 112 10.08 14.41 0.78
C ASP A 112 9.54 14.43 -0.64
N THR A 113 9.99 13.49 -1.47
CA THR A 113 9.48 13.30 -2.81
C THR A 113 8.44 12.19 -2.82
N VAL A 114 7.77 12.05 -3.97
CA VAL A 114 6.60 11.18 -4.06
C VAL A 114 6.82 9.97 -4.96
N GLN A 115 7.66 10.08 -6.00
CA GLN A 115 7.80 8.97 -6.95
C GLN A 115 8.40 7.74 -6.27
N LEU A 116 9.55 7.93 -5.62
CA LEU A 116 10.18 6.81 -4.92
C LEU A 116 9.32 6.34 -3.76
N ARG A 117 8.68 7.28 -3.06
CA ARG A 117 7.79 6.91 -1.98
C ARG A 117 6.65 6.03 -2.48
N ARG A 118 6.03 6.42 -3.60
CA ARG A 118 4.93 5.64 -4.14
C ARG A 118 5.41 4.27 -4.60
N LYS A 119 6.58 4.21 -5.24
CA LYS A 119 7.11 2.91 -5.67
C LYS A 119 7.38 2.00 -4.48
N LEU A 120 7.94 2.55 -3.40
CA LEU A 120 8.25 1.74 -2.24
C LEU A 120 7.00 1.31 -1.49
N GLU A 121 5.96 2.14 -1.47
CA GLU A 121 4.76 1.82 -0.71
C GLU A 121 3.92 0.71 -1.33
N PHE A 122 4.37 0.12 -2.45
CA PHE A 122 3.68 -1.05 -2.97
C PHE A 122 3.75 -2.23 -2.00
N PHE A 123 4.67 -2.20 -1.05
CA PHE A 123 4.87 -3.32 -0.12
C PHE A 123 4.90 -2.78 1.31
N THR A 124 4.59 -3.67 2.25
CA THR A 124 4.54 -3.27 3.66
C THR A 124 5.92 -3.32 4.30
N TYR A 125 6.73 -4.32 3.99
CA TYR A 125 8.05 -4.45 4.59
C TYR A 125 9.11 -4.54 3.50
N SER A 126 10.29 -4.00 3.80
CA SER A 126 11.38 -3.97 2.84
C SER A 126 12.71 -4.14 3.57
N ARG A 127 13.70 -4.60 2.81
CA ARG A 127 15.05 -4.78 3.32
C ARG A 127 16.02 -4.59 2.16
N PHE A 128 16.88 -3.58 2.24
CA PHE A 128 17.77 -3.26 1.13
C PHE A 128 18.96 -2.45 1.64
N ASP A 129 20.01 -2.44 0.83
CA ASP A 129 21.11 -1.49 0.97
C ASP A 129 20.84 -0.28 0.08
N MET A 130 21.65 0.76 0.25
CA MET A 130 21.39 2.04 -0.40
C MET A 130 22.65 2.55 -1.08
N GLU A 131 22.46 3.30 -2.17
CA GLU A 131 23.53 4.03 -2.83
C GLU A 131 23.11 5.48 -2.98
N LEU A 132 23.95 6.39 -2.51
CA LEU A 132 23.66 7.81 -2.54
C LEU A 132 24.62 8.53 -3.47
N THR A 133 24.08 9.46 -4.26
CA THR A 133 24.87 10.28 -5.18
C THR A 133 24.52 11.75 -4.96
N PHE A 134 25.54 12.59 -5.02
CA PHE A 134 25.41 14.03 -4.75
C PHE A 134 25.84 14.82 -5.97
N VAL A 135 24.98 15.73 -6.41
CA VAL A 135 25.25 16.62 -7.53
C VAL A 135 25.18 18.06 -7.03
N VAL A 136 26.22 18.84 -7.28
CA VAL A 136 26.34 20.19 -6.75
C VAL A 136 26.35 21.18 -7.91
N THR A 137 25.56 22.24 -7.79
CA THR A 137 25.51 23.30 -8.79
C THR A 137 25.57 24.66 -8.10
N ALA A 138 26.48 25.51 -8.54
CA ALA A 138 26.71 26.81 -7.91
C ALA A 138 26.53 27.94 -8.91
N ASN A 139 26.23 29.12 -8.38
CA ASN A 139 26.02 30.30 -9.21
C ASN A 139 26.26 31.55 -8.38
N PHE A 140 26.38 32.69 -9.10
CA PHE A 140 26.52 34.00 -8.49
C PHE A 140 25.15 34.61 -8.25
N THR A 141 25.15 35.79 -7.62
CA THR A 141 23.92 36.53 -7.37
C THR A 141 24.05 37.97 -7.86
N ASN A 142 25.25 38.52 -7.83
CA ASN A 142 25.50 39.88 -8.30
C ASN A 142 26.71 39.91 -9.23
N THR A 143 27.14 41.11 -9.63
CA THR A 143 28.22 41.26 -10.60
C THR A 143 29.27 42.29 -10.23
N ASN A 144 29.03 43.15 -9.25
CA ASN A 144 29.94 44.26 -8.95
C ASN A 144 30.81 44.00 -7.73
N ASN A 145 30.89 42.76 -7.25
CA ASN A 145 31.68 42.42 -6.07
C ASN A 145 32.80 41.44 -6.39
N GLY A 146 33.31 41.48 -7.63
CA GLY A 146 34.41 40.62 -7.99
C GLY A 146 33.95 39.20 -8.30
N HIS A 147 34.84 38.25 -8.04
CA HIS A 147 34.61 36.85 -8.37
C HIS A 147 35.09 36.00 -7.19
N ALA A 148 35.14 34.68 -7.41
CA ALA A 148 35.50 33.74 -6.37
C ALA A 148 36.29 32.59 -6.97
N LEU A 149 37.06 31.93 -6.11
CA LEU A 149 37.82 30.74 -6.49
C LEU A 149 37.00 29.49 -6.23
N ASN A 150 37.47 28.37 -6.77
CA ASN A 150 36.75 27.11 -6.64
C ASN A 150 36.55 26.76 -5.17
N GLN A 151 35.36 26.29 -4.83
CA GLN A 151 34.98 26.01 -3.46
C GLN A 151 35.02 24.52 -3.16
N VAL A 152 35.13 24.19 -1.88
CA VAL A 152 35.13 22.82 -1.39
C VAL A 152 33.97 22.66 -0.41
N TYR A 153 33.17 21.62 -0.61
CA TYR A 153 32.00 21.35 0.19
C TYR A 153 32.25 20.18 1.13
N GLN A 154 31.77 20.31 2.36
CA GLN A 154 31.90 19.26 3.37
C GLN A 154 30.51 18.74 3.72
N ILE A 155 30.35 17.42 3.66
CA ILE A 155 29.10 16.74 4.00
C ILE A 155 29.40 15.76 5.12
N MET A 156 28.70 15.89 6.23
CA MET A 156 28.93 15.06 7.41
C MET A 156 27.64 14.38 7.84
N TYR A 157 27.74 13.11 8.23
CA TYR A 157 26.60 12.33 8.68
C TYR A 157 26.59 12.33 10.21
N ILE A 158 25.50 12.81 10.79
CA ILE A 158 25.36 12.89 12.25
C ILE A 158 24.31 11.88 12.69
N PRO A 159 24.71 10.76 13.28
CA PRO A 159 23.71 9.80 13.78
C PRO A 159 23.01 10.34 15.03
N PRO A 160 21.91 9.72 15.43
CA PRO A 160 21.23 10.17 16.65
C PRO A 160 22.14 10.12 17.85
N GLY A 161 22.07 11.15 18.70
CA GLY A 161 22.85 11.24 19.89
C GLY A 161 24.16 12.00 19.74
N ALA A 162 24.65 12.16 18.52
CA ALA A 162 25.88 12.91 18.31
C ALA A 162 25.61 14.41 18.36
N PRO A 163 26.60 15.21 18.77
CA PRO A 163 26.38 16.65 18.84
C PRO A 163 26.13 17.24 17.46
N THR A 164 25.29 18.28 17.43
CA THR A 164 24.95 18.94 16.18
C THR A 164 25.60 20.33 16.12
N PRO A 165 26.01 20.77 14.93
CA PRO A 165 26.68 22.08 14.84
C PRO A 165 25.73 23.23 15.17
N LYS A 166 26.31 24.28 15.73
CA LYS A 166 25.62 25.55 15.91
C LYS A 166 26.22 26.68 15.07
N SER A 167 27.33 26.42 14.39
CA SER A 167 27.95 27.40 13.50
C SER A 167 28.72 26.65 12.43
N TRP A 168 29.05 27.37 11.36
CA TRP A 168 29.73 26.76 10.23
C TRP A 168 31.19 26.41 10.53
N ASP A 169 31.74 26.86 11.67
CA ASP A 169 33.14 26.64 11.98
C ASP A 169 33.33 26.24 13.44
N ASP A 170 32.45 25.41 13.98
CA ASP A 170 32.60 24.93 15.35
C ASP A 170 33.35 23.60 15.37
N TYR A 171 33.66 23.13 16.58
CA TYR A 171 34.47 21.93 16.74
C TYR A 171 33.80 20.69 16.15
N THR A 172 32.48 20.69 16.02
CA THR A 172 31.78 19.50 15.57
C THR A 172 32.22 19.04 14.19
N TRP A 173 32.81 19.95 13.40
CA TRP A 173 33.25 19.60 12.05
C TRP A 173 34.57 18.84 12.04
N GLN A 174 35.21 18.64 13.19
CA GLN A 174 36.43 17.85 13.23
C GLN A 174 36.19 16.41 12.75
N THR A 175 34.96 15.93 12.81
CA THR A 175 34.56 14.61 12.32
C THR A 175 35.60 13.55 12.69
N SER A 176 35.92 13.49 13.98
CA SER A 176 36.87 12.49 14.46
C SER A 176 36.35 11.08 14.24
N SER A 177 35.05 10.85 14.50
CA SER A 177 34.43 9.55 14.31
C SER A 177 33.32 9.54 13.29
N ASN A 178 32.65 10.65 13.05
CA ASN A 178 31.59 10.70 12.05
C ASN A 178 32.19 10.69 10.66
N PRO A 179 31.68 9.87 9.74
CA PRO A 179 32.19 9.91 8.36
C PRO A 179 31.85 11.24 7.68
N SER A 180 32.73 11.65 6.78
CA SER A 180 32.55 12.91 6.06
C SER A 180 33.08 12.78 4.65
N ILE A 181 32.52 13.60 3.76
CA ILE A 181 32.93 13.67 2.35
C ILE A 181 33.33 15.11 2.06
N PHE A 182 34.50 15.27 1.44
CA PHE A 182 34.97 16.55 0.94
C PHE A 182 34.91 16.52 -0.58
N TYR A 183 34.14 17.43 -1.16
CA TYR A 183 33.89 17.45 -2.60
C TYR A 183 34.45 18.75 -3.19
N THR A 184 35.15 18.62 -4.30
CA THR A 184 35.72 19.76 -5.02
C THR A 184 34.81 20.09 -6.20
N TYR A 185 34.40 21.34 -6.30
CA TYR A 185 33.47 21.75 -7.36
C TYR A 185 34.09 21.52 -8.73
N GLY A 186 33.26 21.05 -9.66
CA GLY A 186 33.69 20.76 -11.01
C GLY A 186 34.11 19.33 -11.25
N ALA A 187 34.22 18.52 -10.21
CA ALA A 187 34.56 17.12 -10.35
C ALA A 187 33.31 16.28 -10.57
N ALA A 188 33.47 14.97 -10.67
CA ALA A 188 32.35 14.08 -10.87
C ALA A 188 31.45 14.08 -9.63
N PRO A 189 30.15 13.86 -9.80
CA PRO A 189 29.25 13.84 -8.65
C PRO A 189 29.69 12.82 -7.61
N ALA A 190 29.55 13.18 -6.34
CA ALA A 190 30.03 12.31 -5.28
C ALA A 190 29.11 11.09 -5.14
N ARG A 191 29.65 10.00 -4.59
CA ARG A 191 28.89 8.77 -4.45
C ARG A 191 29.38 7.98 -3.26
N ILE A 192 28.45 7.32 -2.58
CA ILE A 192 28.75 6.42 -1.46
C ILE A 192 27.70 5.32 -1.41
N SER A 193 27.99 4.29 -0.62
CA SER A 193 27.09 3.16 -0.42
C SER A 193 26.92 2.91 1.08
N VAL A 194 25.73 2.43 1.45
CA VAL A 194 25.39 2.18 2.85
C VAL A 194 24.71 0.82 2.95
N PRO A 195 24.98 0.04 4.01
CA PRO A 195 24.29 -1.25 4.16
C PRO A 195 22.96 -1.11 4.90
N TYR A 196 22.30 -2.24 5.13
CA TYR A 196 21.06 -2.24 5.91
C TYR A 196 21.39 -1.96 7.38
N VAL A 197 20.81 -0.89 7.93
CA VAL A 197 21.11 -0.44 9.27
C VAL A 197 19.84 -0.41 10.12
N GLY A 198 18.90 -1.30 9.80
CA GLY A 198 17.65 -1.35 10.55
C GLY A 198 17.81 -2.07 11.87
N LEU A 199 17.21 -1.50 12.92
CA LEU A 199 17.24 -2.14 14.23
C LEU A 199 16.52 -3.48 14.21
N ALA A 200 15.38 -3.55 13.54
CA ALA A 200 14.61 -4.79 13.44
C ALA A 200 15.13 -5.58 12.24
N ASN A 201 14.44 -6.68 11.92
CA ASN A 201 14.82 -7.53 10.81
C ASN A 201 14.42 -6.97 9.45
N ALA A 202 13.58 -5.94 9.42
CA ALA A 202 13.18 -5.32 8.16
C ALA A 202 12.64 -3.93 8.44
N TYR A 203 12.75 -3.06 7.45
CA TYR A 203 12.16 -1.72 7.54
C TYR A 203 10.64 -1.82 7.53
N SER A 204 10.00 -0.92 8.29
CA SER A 204 8.55 -0.87 8.41
C SER A 204 8.05 0.41 7.76
N HIS A 205 7.57 0.29 6.53
CA HIS A 205 7.00 1.45 5.84
C HIS A 205 5.76 1.96 6.55
N PHE A 206 4.92 1.03 7.03
CA PHE A 206 3.69 1.37 7.74
C PHE A 206 3.76 0.80 9.15
N TYR A 207 3.39 1.63 10.13
CA TYR A 207 3.37 1.23 11.54
C TYR A 207 2.04 1.66 12.15
N ASP A 208 1.24 0.69 12.56
CA ASP A 208 -0.08 0.94 13.15
C ASP A 208 0.06 0.83 14.67
N GLY A 209 0.46 1.91 15.29
CA GLY A 209 0.64 1.91 16.73
C GLY A 209 1.20 3.22 17.22
N PHE A 210 1.61 3.23 18.49
CA PHE A 210 2.13 4.41 19.16
C PHE A 210 3.46 4.06 19.82
N ALA A 211 4.17 5.10 20.26
CA ALA A 211 5.40 4.92 21.01
C ALA A 211 5.18 4.99 22.52
N LYS A 212 4.06 5.54 22.97
CA LYS A 212 3.72 5.61 24.38
C LYS A 212 2.28 5.18 24.57
N VAL A 213 1.97 4.69 25.76
CA VAL A 213 0.63 4.26 26.13
C VAL A 213 0.21 5.06 27.37
N PRO A 214 -0.84 5.88 27.31
CA PRO A 214 -1.27 6.59 28.51
C PRO A 214 -1.77 5.62 29.57
N LEU A 215 -1.58 6.00 30.83
CA LEU A 215 -1.95 5.16 31.96
C LEU A 215 -2.85 5.94 32.90
N LYS A 216 -3.69 5.20 33.64
CA LYS A 216 -4.61 5.83 34.58
C LYS A 216 -3.87 6.57 35.68
N THR A 217 -2.68 6.09 36.06
CA THR A 217 -1.92 6.68 37.15
C THR A 217 -1.08 7.88 36.72
N ASP A 218 -1.03 8.19 35.44
CA ASP A 218 -0.26 9.34 34.98
C ASP A 218 -0.82 10.63 35.56
N ALA A 219 0.09 11.52 35.96
CA ALA A 219 -0.33 12.79 36.56
C ALA A 219 -1.15 13.63 35.58
N ASN A 220 -0.72 13.68 34.32
CA ASN A 220 -1.39 14.47 33.30
C ASN A 220 -1.50 13.63 32.03
N ASP A 221 -2.29 14.14 31.08
CA ASP A 221 -2.52 13.43 29.83
C ASP A 221 -1.37 13.58 28.84
N GLN A 222 -0.46 14.52 29.06
CA GLN A 222 0.65 14.74 28.14
C GLN A 222 1.79 13.75 28.33
N ILE A 223 1.81 13.01 29.43
CA ILE A 223 2.89 12.05 29.67
C ILE A 223 2.85 10.95 28.61
N GLY A 224 1.66 10.43 28.32
CA GLY A 224 1.49 9.35 27.37
C GLY A 224 1.07 9.76 25.99
N ASP A 225 1.11 11.05 25.66
CA ASP A 225 0.70 11.51 24.34
C ASP A 225 1.84 11.31 23.35
N SER A 226 1.51 10.76 22.18
CA SER A 226 2.49 10.54 21.13
C SER A 226 1.78 10.55 19.78
N LEU A 227 2.55 10.81 18.73
CA LEU A 227 1.99 10.88 17.39
C LEU A 227 1.63 9.49 16.89
N TYR A 228 0.54 9.40 16.13
CA TYR A 228 0.08 8.13 15.59
C TYR A 228 0.92 7.72 14.39
N SER A 229 1.27 6.44 14.34
CA SER A 229 2.03 5.86 13.23
C SER A 229 3.45 6.42 13.17
N ALA A 230 4.08 6.56 14.34
CA ALA A 230 5.46 7.02 14.44
C ALA A 230 6.20 6.14 15.41
N MET A 231 7.33 5.57 14.95
CA MET A 231 8.15 4.72 15.82
C MET A 231 9.08 5.57 16.68
N THR A 232 9.98 6.32 16.04
CA THR A 232 10.99 7.10 16.74
C THR A 232 11.00 8.52 16.19
N VAL A 233 11.22 9.48 17.08
CA VAL A 233 11.25 10.89 16.67
C VAL A 233 12.46 11.16 15.80
N ASP A 234 13.64 10.70 16.24
CA ASP A 234 14.89 10.88 15.52
C ASP A 234 15.35 9.53 15.01
N ASP A 235 15.24 9.32 13.70
CA ASP A 235 15.62 8.06 13.07
C ASP A 235 16.58 8.33 11.91
N PHE A 236 17.68 7.58 11.87
CA PHE A 236 18.65 7.55 10.79
C PHE A 236 19.57 8.77 10.79
N GLY A 237 19.42 9.71 11.72
CA GLY A 237 20.32 10.84 11.79
C GLY A 237 20.03 11.89 10.73
N VAL A 238 21.01 12.77 10.54
CA VAL A 238 20.89 13.90 9.61
C VAL A 238 22.19 14.05 8.83
N LEU A 239 22.13 14.87 7.80
CA LEU A 239 23.30 15.24 7.00
C LEU A 239 23.51 16.75 7.09
N ALA A 240 24.71 17.15 7.44
CA ALA A 240 25.08 18.57 7.55
C ALA A 240 26.04 18.92 6.42
N ILE A 241 25.70 19.98 5.70
CA ILE A 241 26.47 20.42 4.54
C ILE A 241 26.94 21.85 4.77
N ARG A 242 28.23 22.08 4.53
CA ARG A 242 28.81 23.41 4.66
C ARG A 242 29.82 23.65 3.53
N VAL A 243 30.18 24.92 3.38
CA VAL A 243 31.24 25.33 2.47
C VAL A 243 32.49 25.62 3.30
N VAL A 244 33.55 24.85 3.06
CA VAL A 244 34.75 24.98 3.87
C VAL A 244 35.46 26.31 3.60
N ASN A 245 35.38 26.80 2.36
CA ASN A 245 36.10 28.01 1.99
C ASN A 245 35.59 29.21 2.77
N ASP A 246 36.49 30.18 2.99
CA ASP A 246 36.10 31.44 3.58
C ASP A 246 35.27 32.25 2.58
N HIS A 247 34.68 33.33 3.07
CA HIS A 247 33.76 34.12 2.27
C HIS A 247 34.51 35.06 1.34
N ASN A 248 34.16 35.01 0.06
CA ASN A 248 34.65 35.98 -0.91
C ASN A 248 33.82 37.26 -0.81
N PRO A 249 34.33 38.36 -1.35
CA PRO A 249 33.54 39.61 -1.32
C PRO A 249 32.21 39.51 -2.03
N THR A 250 32.04 38.54 -2.93
CA THR A 250 30.78 38.33 -3.64
C THR A 250 30.13 37.05 -3.14
N LYS A 251 28.83 37.13 -2.89
CA LYS A 251 28.07 35.97 -2.43
C LYS A 251 27.97 34.91 -3.53
N VAL A 252 28.00 33.65 -3.12
CA VAL A 252 27.87 32.52 -4.04
C VAL A 252 26.85 31.54 -3.47
N THR A 253 25.84 31.20 -4.27
CA THR A 253 24.81 30.26 -3.86
C THR A 253 25.07 28.90 -4.49
N SER A 254 24.59 27.84 -3.84
CA SER A 254 24.80 26.50 -4.35
C SER A 254 23.65 25.61 -3.90
N LYS A 255 23.35 24.62 -4.73
CA LYS A 255 22.33 23.63 -4.44
C LYS A 255 22.94 22.24 -4.59
N VAL A 256 22.63 21.38 -3.62
CA VAL A 256 23.04 19.99 -3.61
C VAL A 256 21.80 19.13 -3.80
N ARG A 257 21.83 18.27 -4.80
CA ARG A 257 20.75 17.34 -5.09
C ARG A 257 21.22 15.93 -4.74
N ILE A 258 20.40 15.21 -3.98
CA ILE A 258 20.72 13.87 -3.50
C ILE A 258 19.85 12.87 -4.24
N TYR A 259 20.48 11.84 -4.80
CA TYR A 259 19.80 10.78 -5.54
C TYR A 259 20.06 9.46 -4.84
N MET A 260 19.00 8.68 -4.65
CA MET A 260 19.04 7.43 -3.90
C MET A 260 18.70 6.26 -4.82
N LYS A 261 19.43 5.16 -4.67
CA LYS A 261 19.14 3.93 -5.41
C LYS A 261 19.17 2.74 -4.45
N PRO A 262 18.05 2.06 -4.24
CA PRO A 262 18.09 0.82 -3.45
C PRO A 262 18.82 -0.29 -4.21
N LYS A 263 19.42 -1.20 -3.43
CA LYS A 263 20.15 -2.33 -3.97
C LYS A 263 19.90 -3.55 -3.08
N HIS A 264 19.97 -4.74 -3.67
CA HIS A 264 19.76 -5.98 -2.95
C HIS A 264 18.45 -5.93 -2.16
N VAL A 265 17.36 -5.77 -2.90
CA VAL A 265 16.06 -5.42 -2.33
C VAL A 265 15.24 -6.68 -2.14
N ARG A 266 14.63 -6.82 -0.96
CA ARG A 266 13.64 -7.83 -0.67
C ARG A 266 12.42 -7.14 -0.07
N VAL A 267 11.23 -7.62 -0.44
CA VAL A 267 9.98 -6.98 -0.03
C VAL A 267 8.98 -8.04 0.44
N TRP A 268 8.04 -7.59 1.26
CA TRP A 268 7.01 -8.47 1.82
C TRP A 268 5.70 -7.69 1.95
N CYS A 269 4.59 -8.44 1.81
CA CYS A 269 3.23 -7.95 2.02
C CYS A 269 2.86 -6.84 1.04
N PRO A 270 2.62 -7.17 -0.22
CA PRO A 270 2.24 -6.13 -1.19
C PRO A 270 0.94 -5.44 -0.81
N ARG A 271 0.85 -4.17 -1.17
CA ARG A 271 -0.29 -3.32 -0.85
C ARG A 271 -0.72 -2.55 -2.09
N PRO A 272 -1.98 -2.11 -2.15
CA PRO A 272 -2.42 -1.32 -3.29
C PRO A 272 -1.73 0.03 -3.30
N PRO A 273 -1.48 0.60 -4.48
CA PRO A 273 -0.76 1.87 -4.55
C PRO A 273 -1.62 3.07 -4.16
N ARG A 274 -0.94 4.16 -3.86
CA ARG A 274 -1.63 5.41 -3.53
C ARG A 274 -2.45 5.89 -4.71
N ALA A 275 -3.65 6.41 -4.42
CA ALA A 275 -4.54 6.90 -5.45
C ALA A 275 -4.87 8.38 -5.32
N VAL A 276 -4.54 9.01 -4.20
CA VAL A 276 -4.80 10.44 -4.00
C VAL A 276 -3.52 11.11 -3.53
N PRO A 277 -3.41 12.42 -3.71
CA PRO A 277 -2.17 13.10 -3.34
C PRO A 277 -1.80 12.89 -1.89
N TYR A 278 -0.50 12.75 -1.64
CA TYR A 278 -0.02 12.60 -0.27
C TYR A 278 -0.24 13.87 0.53
N TYR A 279 -0.40 13.70 1.84
CA TYR A 279 -0.56 14.83 2.75
C TYR A 279 0.09 14.44 4.07
N GLY A 280 1.35 14.83 4.24
CA GLY A 280 2.09 14.55 5.45
C GLY A 280 2.79 13.20 5.41
N PRO A 281 3.60 12.92 6.42
CA PRO A 281 4.29 11.62 6.48
C PRO A 281 3.35 10.43 6.59
N GLY A 282 2.12 10.64 7.05
CA GLY A 282 1.18 9.56 7.25
C GLY A 282 0.34 9.26 6.03
N VAL A 283 -0.80 8.61 6.25
CA VAL A 283 -1.70 8.20 5.19
C VAL A 283 -2.89 9.16 5.09
N ASP A 284 -2.77 10.37 5.62
CA ASP A 284 -3.87 11.32 5.62
C ASP A 284 -4.09 11.88 4.21
N TYR A 285 -5.34 12.24 3.94
CA TYR A 285 -5.75 12.85 2.68
C TYR A 285 -6.64 14.05 2.96
N LYS A 286 -6.42 15.13 2.21
CA LYS A 286 -7.13 16.39 2.44
C LYS A 286 -7.96 16.82 1.23
N ASP A 287 -7.37 16.89 0.04
CA ASP A 287 -8.04 17.40 -1.14
CA ASP A 287 -8.03 17.41 -1.14
C ASP A 287 -7.78 16.48 -2.32
N ASN A 288 -8.50 16.75 -3.42
CA ASN A 288 -8.38 15.98 -4.65
C ASN A 288 -8.71 14.51 -4.41
N LEU A 289 -9.96 14.27 -4.02
CA LEU A 289 -10.45 12.93 -3.70
C LEU A 289 -11.39 12.40 -4.78
N ASN A 290 -11.22 12.87 -6.02
CA ASN A 290 -12.03 12.43 -7.16
C ASN A 290 -11.10 12.03 -8.30
N PRO A 291 -10.40 10.91 -8.15
CA PRO A 291 -9.39 10.53 -9.16
C PRO A 291 -9.98 10.11 -10.50
N LEU A 292 -10.98 9.24 -10.49
CA LEU A 292 -11.50 8.71 -11.74
C LEU A 292 -12.22 9.78 -12.55
N SER A 293 -12.22 9.60 -13.87
CA SER A 293 -12.88 10.49 -14.80
C SER A 293 -14.16 9.85 -15.34
N GLU A 294 -14.95 10.66 -16.03
CA GLU A 294 -16.23 10.21 -16.56
C GLU A 294 -16.04 9.36 -17.81
N LYS A 295 -16.94 8.40 -18.00
CA LYS A 295 -16.93 7.54 -19.18
C LYS A 295 -18.27 6.83 -19.27
N GLY A 296 -18.71 6.60 -20.51
CA GLY A 296 -19.99 5.97 -20.72
C GLY A 296 -19.98 4.49 -20.41
N LEU A 297 -21.11 4.00 -19.90
CA LEU A 297 -21.21 2.58 -19.57
C LEU A 297 -21.14 1.71 -20.81
N THR A 298 -21.82 2.11 -21.89
CA THR A 298 -21.86 1.35 -23.13
C THR A 298 -21.09 2.04 -24.25
N THR A 299 -20.02 2.76 -23.90
CA THR A 299 -19.18 3.46 -24.85
C THR A 299 -17.81 2.81 -24.90
N TYR A 300 -17.38 2.43 -26.09
CA TYR A 300 -16.07 1.81 -26.28
C TYR A 300 -14.96 2.83 -26.07
N ILE B 30 35.23 -8.23 -10.99
CA ILE B 30 35.91 -8.49 -9.73
C ILE B 30 35.53 -7.43 -8.70
N ASN B 31 35.20 -7.87 -7.49
CA ASN B 31 34.87 -6.96 -6.41
C ASN B 31 36.14 -6.49 -5.71
N TYR B 32 36.28 -5.17 -5.56
CA TYR B 32 37.46 -4.57 -4.94
C TYR B 32 37.26 -4.32 -3.45
N TYR B 33 36.15 -3.70 -3.08
CA TYR B 33 35.91 -3.33 -1.70
C TYR B 33 35.55 -4.55 -0.85
N LYS B 34 35.86 -4.46 0.44
CA LYS B 34 35.62 -5.59 1.34
C LYS B 34 34.14 -5.73 1.67
N ASP B 35 33.44 -4.61 1.87
CA ASP B 35 32.04 -4.67 2.28
C ASP B 35 31.16 -5.14 1.13
N SER B 36 30.14 -5.93 1.47
CA SER B 36 29.21 -6.42 0.47
C SER B 36 28.37 -5.28 -0.12
N ALA B 37 28.03 -4.29 0.70
CA ALA B 37 27.21 -3.18 0.22
C ALA B 37 27.86 -2.49 -0.97
N SER B 38 29.19 -2.39 -0.97
CA SER B 38 29.89 -1.77 -2.09
C SER B 38 29.74 -2.57 -3.37
N ASN B 39 29.39 -3.85 -3.29
CA ASN B 39 29.26 -4.68 -4.48
C ASN B 39 28.16 -4.14 -5.37
N ALA B 40 28.45 -4.07 -6.67
CA ALA B 40 27.47 -3.61 -7.63
C ALA B 40 26.32 -4.61 -7.74
N ALA B 41 25.11 -4.08 -7.90
CA ALA B 41 23.92 -4.92 -8.02
C ALA B 41 23.82 -5.50 -9.42
N LEU B 83 -18.71 -28.36 7.49
CA LEU B 83 -17.65 -28.96 8.29
C LEU B 83 -17.54 -28.27 9.64
N GLN B 84 -16.96 -28.95 10.61
CA GLN B 84 -16.83 -28.45 11.98
C GLN B 84 -15.36 -28.25 12.31
N LEU B 85 -15.04 -27.09 12.89
CA LEU B 85 -13.70 -26.76 13.36
C LEU B 85 -13.73 -26.62 14.87
N THR B 86 -12.85 -27.34 15.55
CA THR B 86 -12.79 -27.36 17.01
C THR B 86 -11.44 -26.82 17.47
N ILE B 87 -11.48 -25.81 18.34
CA ILE B 87 -10.28 -25.27 18.97
C ILE B 87 -10.55 -25.12 20.46
N GLY B 88 -9.67 -25.70 21.28
CA GLY B 88 -9.89 -25.65 22.71
C GLY B 88 -11.22 -26.27 23.08
N ASN B 89 -12.01 -25.55 23.87
CA ASN B 89 -13.34 -25.98 24.27
C ASN B 89 -14.43 -25.35 23.41
N SER B 90 -14.09 -24.91 22.20
CA SER B 90 -15.04 -24.25 21.31
C SER B 90 -15.10 -25.00 19.99
N THR B 91 -16.29 -24.99 19.39
CA THR B 91 -16.52 -25.66 18.11
C THR B 91 -17.46 -24.82 17.26
N ILE B 92 -17.14 -24.71 15.97
CA ILE B 92 -17.96 -23.98 15.01
C ILE B 92 -18.38 -24.94 13.91
N THR B 93 -19.65 -24.91 13.55
CA THR B 93 -20.18 -25.74 12.48
C THR B 93 -21.00 -24.92 11.49
N ASN B 99 -14.90 -22.47 1.38
CA ASN B 99 -13.78 -23.12 2.07
C ASN B 99 -12.94 -22.08 2.80
N SER B 100 -12.13 -22.53 3.75
CA SER B 100 -11.30 -21.63 4.53
C SER B 100 -10.17 -21.07 3.66
N VAL B 101 -9.68 -19.90 4.05
CA VAL B 101 -8.59 -19.21 3.36
C VAL B 101 -7.45 -19.02 4.35
N VAL B 102 -6.24 -19.42 3.94
CA VAL B 102 -5.04 -19.27 4.74
C VAL B 102 -4.23 -18.14 4.13
N ALA B 103 -3.96 -17.11 4.94
CA ALA B 103 -3.28 -15.93 4.45
C ALA B 103 -1.83 -16.26 4.06
N TYR B 104 -1.44 -15.88 2.84
CA TYR B 104 -0.09 -16.08 2.33
C TYR B 104 0.34 -17.54 2.37
N GLY B 105 -0.60 -18.47 2.53
CA GLY B 105 -0.25 -19.88 2.59
C GLY B 105 0.71 -20.21 3.72
N ARG B 106 0.51 -19.62 4.89
CA ARG B 106 1.40 -19.84 6.02
C ARG B 106 0.56 -20.07 7.27
N TRP B 107 0.66 -21.26 7.84
CA TRP B 107 -0.05 -21.58 9.06
C TRP B 107 0.65 -20.98 10.27
N PRO B 108 -0.09 -20.58 11.30
CA PRO B 108 0.56 -20.06 12.51
C PRO B 108 1.50 -21.08 13.12
N GLU B 109 2.61 -20.59 13.68
CA GLU B 109 3.62 -21.44 14.27
C GLU B 109 4.31 -20.71 15.40
N PHE B 110 4.91 -21.48 16.30
CA PHE B 110 5.64 -20.92 17.42
C PHE B 110 7.02 -20.45 16.98
N ILE B 111 7.66 -19.64 17.83
CA ILE B 111 9.00 -19.15 17.54
C ILE B 111 9.99 -20.31 17.57
N ARG B 112 10.94 -20.27 16.64
CA ARG B 112 11.94 -21.32 16.52
C ARG B 112 13.19 -20.98 17.33
N ASP B 113 13.97 -22.01 17.62
CA ASP B 113 15.16 -21.84 18.46
C ASP B 113 16.20 -20.94 17.80
N ASP B 114 16.17 -20.80 16.47
CA ASP B 114 17.13 -19.97 15.75
C ASP B 114 16.71 -18.51 15.67
N GLU B 115 15.79 -18.07 16.53
CA GLU B 115 15.37 -16.67 16.54
C GLU B 115 14.72 -16.38 17.89
N ALA B 116 15.34 -15.50 18.67
CA ALA B 116 14.81 -15.12 19.98
C ALA B 116 15.62 -13.93 20.48
N ASN B 117 15.32 -13.50 21.71
CA ASN B 117 16.02 -12.39 22.34
C ASN B 117 16.50 -12.78 23.73
N ASP B 120 14.64 -15.06 27.83
CA ASP B 120 14.00 -15.64 29.01
C ASP B 120 13.04 -16.75 28.62
N GLN B 121 12.44 -17.39 29.61
CA GLN B 121 11.51 -18.49 29.34
C GLN B 121 10.15 -17.92 28.93
N PRO B 122 9.67 -18.22 27.72
CA PRO B 122 8.35 -17.74 27.32
C PRO B 122 7.23 -18.48 28.04
N THR B 123 6.08 -17.82 28.10
CA THR B 123 4.84 -18.41 28.61
C THR B 123 3.93 -18.67 27.41
N GLU B 124 3.52 -19.92 27.24
CA GLU B 124 2.78 -20.37 26.06
C GLU B 124 1.51 -21.09 26.50
N PRO B 125 0.45 -20.35 26.82
CA PRO B 125 -0.84 -21.00 27.11
C PRO B 125 -1.31 -21.81 25.92
N ASP B 126 -1.92 -22.95 26.22
CA ASP B 126 -2.37 -23.88 25.19
C ASP B 126 -3.88 -23.82 24.94
N VAL B 127 -4.68 -23.96 25.99
CA VAL B 127 -6.13 -23.97 25.86
C VAL B 127 -6.81 -22.83 26.61
N ALA B 128 -6.14 -22.20 27.59
CA ALA B 128 -6.76 -21.13 28.34
C ALA B 128 -6.89 -19.84 27.53
N THR B 129 -6.19 -19.73 26.40
CA THR B 129 -6.26 -18.54 25.56
C THR B 129 -6.54 -18.83 24.10
N CYS B 130 -6.24 -20.02 23.60
CA CYS B 130 -6.49 -20.36 22.19
C CYS B 130 -7.87 -20.99 22.07
N ARG B 131 -8.87 -20.11 21.98
CA ARG B 131 -10.26 -20.55 21.87
C ARG B 131 -11.06 -19.42 21.24
N PHE B 132 -12.26 -19.76 20.78
CA PHE B 132 -13.11 -18.80 20.08
C PHE B 132 -13.79 -17.85 21.06
N TYR B 133 -13.64 -16.55 20.81
CA TYR B 133 -14.38 -15.50 21.51
C TYR B 133 -15.27 -14.78 20.52
N THR B 134 -16.51 -14.54 20.92
CA THR B 134 -17.51 -13.92 20.05
C THR B 134 -17.67 -12.46 20.42
N LEU B 135 -17.62 -11.58 19.42
CA LEU B 135 -17.76 -10.16 19.63
C LEU B 135 -19.24 -9.77 19.59
N ASP B 136 -19.51 -8.48 19.80
CA ASP B 136 -20.87 -7.99 19.75
C ASP B 136 -21.42 -8.04 18.33
N THR B 137 -22.67 -8.47 18.20
CA THR B 137 -23.31 -8.53 16.89
C THR B 137 -23.61 -7.13 16.38
N VAL B 138 -23.50 -6.96 15.06
CA VAL B 138 -23.82 -5.70 14.41
C VAL B 138 -24.99 -5.93 13.46
N MET B 139 -25.56 -4.83 12.99
CA MET B 139 -26.73 -4.87 12.12
C MET B 139 -26.39 -4.28 10.76
N TRP B 140 -26.79 -4.99 9.70
CA TRP B 140 -26.56 -4.58 8.33
C TRP B 140 -27.89 -4.21 7.71
N GLY B 141 -27.97 -2.99 7.17
CA GLY B 141 -29.17 -2.52 6.51
C GLY B 141 -28.87 -1.93 5.14
N LYS B 142 -29.79 -1.13 4.62
CA LYS B 142 -29.60 -0.54 3.30
C LYS B 142 -28.61 0.62 3.33
N GLU B 143 -28.51 1.34 4.44
CA GLU B 143 -27.66 2.52 4.56
C GLU B 143 -26.32 2.22 5.22
N SER B 144 -26.05 0.96 5.58
CA SER B 144 -24.78 0.62 6.19
C SER B 144 -23.64 0.75 5.19
N LYS B 145 -22.51 1.28 5.65
CA LYS B 145 -21.36 1.52 4.79
C LYS B 145 -20.17 0.63 5.09
N GLY B 146 -20.04 0.10 6.30
CA GLY B 146 -18.97 -0.82 6.61
C GLY B 146 -18.58 -0.76 8.07
N TRP B 147 -17.70 -1.69 8.45
CA TRP B 147 -17.20 -1.79 9.81
C TRP B 147 -15.73 -2.20 9.77
N TRP B 148 -15.02 -1.87 10.85
CA TRP B 148 -13.61 -2.25 10.94
C TRP B 148 -13.25 -2.53 12.40
N TRP B 149 -12.30 -3.43 12.58
CA TRP B 149 -11.78 -3.80 13.88
C TRP B 149 -10.26 -3.94 13.80
N LYS B 150 -9.61 -3.84 14.95
CA LYS B 150 -8.16 -3.98 15.05
C LYS B 150 -7.82 -5.13 15.99
N LEU B 151 -6.81 -5.91 15.61
CA LEU B 151 -6.30 -7.01 16.42
C LEU B 151 -4.83 -6.80 16.72
N PRO B 152 -4.38 -7.13 17.94
CA PRO B 152 -5.11 -7.79 19.03
C PRO B 152 -5.95 -6.87 19.90
N ASP B 153 -6.27 -5.66 19.42
CA ASP B 153 -7.00 -4.70 20.25
C ASP B 153 -8.38 -5.23 20.62
N ALA B 154 -9.07 -5.88 19.68
CA ALA B 154 -10.44 -6.29 19.92
C ALA B 154 -10.56 -7.34 21.02
N LEU B 155 -9.48 -8.06 21.32
CA LEU B 155 -9.51 -9.13 22.32
C LEU B 155 -8.84 -8.73 23.63
N ARG B 156 -8.69 -7.43 23.89
CA ARG B 156 -7.99 -6.99 25.10
C ARG B 156 -8.74 -7.35 26.37
N ASP B 157 -10.04 -7.61 26.29
CA ASP B 157 -10.84 -7.93 27.47
C ASP B 157 -11.54 -9.27 27.31
N MET B 158 -10.83 -10.29 26.84
CA MET B 158 -11.39 -11.61 26.58
C MET B 158 -10.65 -12.64 27.43
N GLY B 159 -11.19 -12.92 28.61
CA GLY B 159 -10.67 -13.99 29.44
C GLY B 159 -9.22 -13.78 29.83
N LEU B 160 -8.48 -14.88 29.91
CA LEU B 160 -7.08 -14.84 30.33
C LEU B 160 -6.15 -14.32 29.24
N PHE B 161 -6.62 -14.26 27.99
CA PHE B 161 -5.79 -13.70 26.94
C PHE B 161 -5.43 -12.25 27.23
N GLY B 162 -6.44 -11.46 27.63
CA GLY B 162 -6.18 -10.08 27.98
C GLY B 162 -5.28 -9.94 29.19
N GLN B 163 -5.49 -10.80 30.20
CA GLN B 163 -4.65 -10.75 31.39
C GLN B 163 -3.19 -11.02 31.04
N ASN B 164 -2.95 -12.04 30.22
CA ASN B 164 -1.58 -12.31 29.78
C ASN B 164 -1.03 -11.17 28.94
N MET B 165 -1.88 -10.56 28.11
CA MET B 165 -1.43 -9.44 27.30
C MET B 165 -0.97 -8.28 28.18
N TYR B 166 -1.72 -7.98 29.24
CA TYR B 166 -1.39 -6.84 30.10
C TYR B 166 -0.36 -7.15 31.17
N TYR B 167 -0.08 -8.44 31.42
CA TYR B 167 0.91 -8.82 32.43
C TYR B 167 2.28 -9.08 31.83
N HIS B 168 2.44 -8.95 30.51
CA HIS B 168 3.70 -9.25 29.85
C HIS B 168 4.08 -8.12 28.92
N TYR B 169 5.38 -7.88 28.80
CA TYR B 169 5.90 -6.82 27.95
C TYR B 169 5.87 -7.17 26.48
N LEU B 170 6.08 -8.44 26.14
CA LEU B 170 6.15 -8.89 24.75
C LEU B 170 5.13 -10.00 24.51
N GLY B 171 4.47 -9.94 23.35
CA GLY B 171 3.48 -10.94 23.00
C GLY B 171 3.51 -11.26 21.53
N ARG B 172 2.97 -12.43 21.19
CA ARG B 172 2.92 -12.92 19.82
C ARG B 172 1.74 -13.86 19.69
N SER B 173 1.10 -13.84 18.52
CA SER B 173 -0.03 -14.74 18.28
C SER B 173 -0.55 -14.67 16.84
N GLY B 174 -1.10 -15.78 16.35
CA GLY B 174 -1.89 -15.80 15.14
C GLY B 174 -3.37 -15.84 15.47
N TYR B 175 -4.19 -15.76 14.42
CA TYR B 175 -5.63 -15.62 14.61
C TYR B 175 -6.39 -16.47 13.61
N THR B 176 -7.61 -16.85 14.00
CA THR B 176 -8.59 -17.43 13.10
C THR B 176 -9.87 -16.62 13.22
N VAL B 177 -10.34 -16.10 12.09
CA VAL B 177 -11.49 -15.19 12.05
C VAL B 177 -12.63 -15.89 11.33
N HIS B 178 -13.81 -15.85 11.94
CA HIS B 178 -15.01 -16.47 11.39
C HIS B 178 -16.12 -15.44 11.39
N VAL B 179 -16.68 -15.15 10.21
CA VAL B 179 -17.75 -14.18 10.05
C VAL B 179 -19.03 -14.93 9.68
N GLN B 180 -20.10 -14.67 10.42
CA GLN B 180 -21.37 -15.36 10.26
C GLN B 180 -22.45 -14.34 9.89
N CYS B 181 -23.22 -14.66 8.86
CA CYS B 181 -24.37 -13.86 8.45
C CYS B 181 -25.31 -14.75 7.65
N ASN B 182 -26.53 -14.94 8.15
CA ASN B 182 -27.49 -15.84 7.54
C ASN B 182 -28.70 -15.04 7.03
N ALA B 183 -29.23 -15.46 5.89
CA ALA B 183 -30.40 -14.83 5.29
C ALA B 183 -31.22 -15.91 4.58
N SER B 184 -32.20 -15.49 3.81
CA SER B 184 -33.08 -16.40 3.08
C SER B 184 -32.72 -16.40 1.60
N LYS B 185 -33.42 -17.25 0.84
CA LYS B 185 -33.19 -17.34 -0.59
C LYS B 185 -33.75 -16.14 -1.33
N PHE B 186 -34.65 -15.38 -0.72
CA PHE B 186 -35.23 -14.20 -1.34
C PHE B 186 -34.48 -12.92 -1.02
N HIS B 187 -33.43 -12.99 -0.21
CA HIS B 187 -32.56 -11.85 0.02
C HIS B 187 -31.44 -11.83 -1.02
N GLN B 188 -30.76 -10.69 -1.11
CA GLN B 188 -29.62 -10.56 -2.01
C GLN B 188 -28.65 -9.53 -1.44
N GLY B 189 -27.37 -9.78 -1.68
CA GLY B 189 -26.33 -8.90 -1.18
C GLY B 189 -24.99 -9.60 -1.21
N ALA B 190 -23.95 -8.82 -0.92
CA ALA B 190 -22.59 -9.35 -0.93
C ALA B 190 -21.73 -8.56 0.04
N LEU B 191 -20.98 -9.27 0.88
CA LEU B 191 -20.06 -8.68 1.84
C LEU B 191 -18.63 -9.05 1.49
N GLY B 192 -17.74 -8.08 1.58
CA GLY B 192 -16.33 -8.31 1.41
C GLY B 192 -15.58 -8.14 2.72
N VAL B 193 -14.85 -9.18 3.12
CA VAL B 193 -14.06 -9.18 4.35
C VAL B 193 -12.60 -9.18 3.95
N PHE B 194 -11.82 -8.25 4.51
CA PHE B 194 -10.42 -8.08 4.18
C PHE B 194 -9.58 -8.05 5.43
N ALA B 195 -8.48 -8.80 5.43
CA ALA B 195 -7.49 -8.79 6.50
C ALA B 195 -6.27 -8.02 6.00
N ILE B 196 -5.90 -6.96 6.71
CA ILE B 196 -4.89 -6.02 6.28
C ILE B 196 -3.78 -5.98 7.33
N PRO B 197 -2.52 -6.24 6.97
CA PRO B 197 -1.44 -6.03 7.92
C PRO B 197 -1.02 -4.56 7.98
N GLU B 198 -0.76 -4.08 9.19
CA GLU B 198 -0.38 -2.70 9.43
C GLU B 198 -1.40 -1.75 8.82
N TYR B 199 -2.65 -1.92 9.26
CA TYR B 199 -3.78 -1.16 8.71
C TYR B 199 -3.81 0.21 9.39
N CYS B 200 -3.33 1.22 8.70
CA CYS B 200 -3.30 2.59 9.20
C CYS B 200 -4.42 3.40 8.56
N LEU B 201 -5.16 4.14 9.38
CA LEU B 201 -6.30 4.92 8.94
C LEU B 201 -5.97 6.41 8.98
N ALA B 202 -6.75 7.18 8.25
CA ALA B 202 -6.55 8.62 8.13
C ALA B 202 -7.34 9.37 9.21
N GLY B 203 -6.88 10.58 9.49
CA GLY B 203 -7.50 11.41 10.50
C GLY B 203 -8.68 12.20 9.96
N ASP B 204 -9.14 13.15 10.79
CA ASP B 204 -10.30 13.98 10.47
C ASP B 204 -10.01 15.45 10.71
N SER B 205 -8.76 15.87 10.55
CA SER B 205 -8.37 17.25 10.82
C SER B 205 -7.17 17.61 9.97
N ASP B 206 -6.93 18.92 9.85
CA ASP B 206 -5.78 19.39 9.09
C ASP B 206 -4.47 18.92 9.72
N LYS B 207 -4.41 18.84 11.04
CA LYS B 207 -3.21 18.34 11.70
C LYS B 207 -2.95 16.89 11.31
N GLN B 208 -1.68 16.54 11.21
CA GLN B 208 -1.25 15.23 10.71
C GLN B 208 -0.85 14.33 11.87
N ARG B 209 -1.35 13.10 11.85
CA ARG B 209 -1.00 12.09 12.86
C ARG B 209 -1.33 12.59 14.27
N TYR B 210 -2.49 13.23 14.41
CA TYR B 210 -2.92 13.79 15.68
C TYR B 210 -4.00 12.94 16.36
N THR B 211 -4.29 11.76 15.83
CA THR B 211 -5.29 10.89 16.43
C THR B 211 -4.82 10.39 17.79
N SER B 212 -5.75 10.27 18.73
CA SER B 212 -5.44 9.86 20.09
C SER B 212 -5.43 8.34 20.22
N TYR B 213 -4.77 7.88 21.28
CA TYR B 213 -4.69 6.43 21.53
C TYR B 213 -6.07 5.85 21.80
N ALA B 214 -6.88 6.54 22.60
CA ALA B 214 -8.20 6.02 22.94
C ALA B 214 -9.08 5.87 21.70
N ASN B 215 -9.04 6.85 20.80
CA ASN B 215 -9.88 6.79 19.61
C ASN B 215 -9.37 5.75 18.61
N ALA B 216 -8.06 5.47 18.63
CA ALA B 216 -7.48 4.49 17.71
C ALA B 216 -7.64 3.06 18.19
N ASN B 217 -8.12 2.85 19.41
CA ASN B 217 -8.32 1.51 19.97
C ASN B 217 -9.74 1.41 20.53
N PRO B 218 -10.74 1.38 19.65
CA PRO B 218 -12.13 1.32 20.13
C PRO B 218 -12.43 0.08 20.97
N GLY B 219 -11.82 -1.05 20.65
CA GLY B 219 -12.07 -2.28 21.36
C GLY B 219 -12.90 -3.26 20.56
N GLU B 220 -13.81 -3.98 21.22
CA GLU B 220 -14.65 -4.95 20.54
C GLU B 220 -15.80 -4.29 19.79
N LYS B 221 -16.15 -3.04 20.12
CA LYS B 221 -17.22 -2.37 19.41
C LYS B 221 -16.82 -2.01 17.98
N GLY B 222 -15.55 -1.66 17.77
CA GLY B 222 -15.09 -1.33 16.44
C GLY B 222 -15.53 0.04 15.98
N GLY B 223 -15.32 0.30 14.68
CA GLY B 223 -15.69 1.55 14.06
C GLY B 223 -16.52 1.31 12.82
N LYS B 224 -16.83 2.43 12.14
CA LYS B 224 -17.66 2.40 10.94
C LYS B 224 -17.03 3.29 9.87
N PHE B 225 -17.38 3.01 8.63
CA PHE B 225 -16.91 3.78 7.49
C PHE B 225 -17.90 4.89 7.14
N TYR B 226 -17.45 5.81 6.29
CA TYR B 226 -18.27 6.92 5.83
C TYR B 226 -18.10 7.10 4.34
N SER B 227 -19.08 7.74 3.71
CA SER B 227 -19.05 7.97 2.28
C SER B 227 -18.47 9.32 1.90
N GLN B 228 -18.12 10.16 2.88
CA GLN B 228 -17.54 11.47 2.59
C GLN B 228 -16.63 11.87 3.73
N PHE B 229 -15.72 12.80 3.43
CA PHE B 229 -14.75 13.29 4.41
C PHE B 229 -15.34 14.50 5.12
N ASN B 230 -15.61 14.35 6.41
CA ASN B 230 -16.18 15.42 7.23
C ASN B 230 -15.05 16.00 8.09
N ARG B 231 -14.51 17.13 7.66
CA ARG B 231 -13.44 17.77 8.41
C ARG B 231 -13.97 18.28 9.74
N ASP B 232 -13.18 18.10 10.80
CA ASP B 232 -13.56 18.58 12.12
C ASP B 232 -13.35 20.08 12.21
N THR B 233 -14.41 20.81 12.54
CA THR B 233 -14.36 22.26 12.65
C THR B 233 -14.04 22.74 14.06
N ALA B 234 -14.00 21.85 15.05
CA ALA B 234 -13.68 22.25 16.40
C ALA B 234 -12.24 22.75 16.49
N VAL B 235 -12.05 23.85 17.21
CA VAL B 235 -10.73 24.46 17.36
C VAL B 235 -10.32 24.44 18.82
N THR B 236 -11.30 24.42 19.72
CA THR B 236 -11.03 24.41 21.16
C THR B 236 -10.81 23.00 21.68
N SER B 237 -11.68 22.06 21.31
CA SER B 237 -11.63 20.68 21.79
C SER B 237 -11.71 19.75 20.57
N PRO B 238 -10.61 19.60 19.83
CA PRO B 238 -10.64 18.71 18.67
C PRO B 238 -10.96 17.28 19.06
N LYS B 239 -11.73 16.61 18.20
CA LYS B 239 -12.15 15.23 18.50
C LYS B 239 -10.97 14.27 18.44
N ARG B 240 -10.09 14.43 17.47
CA ARG B 240 -8.94 13.55 17.28
C ARG B 240 -9.41 12.12 17.03
N GLU B 241 -10.17 11.95 15.94
CA GLU B 241 -10.76 10.68 15.57
C GLU B 241 -10.50 10.41 14.09
N PHE B 242 -10.62 9.14 13.71
CA PHE B 242 -10.47 8.75 12.32
C PHE B 242 -11.69 9.15 11.52
N CYS B 243 -11.48 9.33 10.21
CA CYS B 243 -12.56 9.59 9.26
C CYS B 243 -12.36 8.71 8.02
N PRO B 244 -12.58 7.40 8.17
CA PRO B 244 -12.43 6.51 7.02
C PRO B 244 -13.44 6.81 5.93
N VAL B 245 -13.03 6.58 4.68
CA VAL B 245 -13.90 6.75 3.52
C VAL B 245 -14.03 5.41 2.83
N ASP B 246 -15.27 5.01 2.53
CA ASP B 246 -15.53 3.67 2.05
C ASP B 246 -14.79 3.37 0.74
N TYR B 247 -14.93 4.26 -0.25
CA TYR B 247 -14.34 3.99 -1.55
C TYR B 247 -12.85 4.21 -1.60
N LEU B 248 -12.25 4.79 -0.55
CA LEU B 248 -10.80 4.91 -0.42
C LEU B 248 -10.22 3.95 0.60
N LEU B 249 -11.04 3.06 1.17
CA LEU B 249 -10.61 2.08 2.16
C LEU B 249 -10.03 2.75 3.41
N GLY B 250 -10.33 4.04 3.61
CA GLY B 250 -9.85 4.74 4.78
C GLY B 250 -8.37 5.01 4.80
N CYS B 251 -7.66 4.77 3.70
CA CYS B 251 -6.22 4.99 3.67
C CYS B 251 -5.74 5.60 2.36
N GLY B 252 -6.64 6.07 1.50
CA GLY B 252 -6.24 6.70 0.26
C GLY B 252 -5.97 5.78 -0.90
N VAL B 253 -6.50 4.56 -0.86
CA VAL B 253 -6.32 3.60 -1.95
C VAL B 253 -7.70 3.12 -2.40
N LEU B 254 -7.83 2.92 -3.70
CA LEU B 254 -9.11 2.50 -4.25
C LEU B 254 -9.52 1.14 -3.69
N LEU B 255 -10.80 1.01 -3.38
CA LEU B 255 -11.30 -0.23 -2.78
C LEU B 255 -11.16 -1.42 -3.72
N GLY B 256 -11.23 -1.19 -5.03
CA GLY B 256 -11.18 -2.29 -5.97
C GLY B 256 -9.93 -3.12 -5.87
N ASN B 257 -8.82 -2.52 -5.46
CA ASN B 257 -7.55 -3.21 -5.32
C ASN B 257 -7.37 -3.85 -3.95
N ALA B 258 -8.32 -3.64 -3.03
CA ALA B 258 -8.19 -4.21 -1.70
C ALA B 258 -8.13 -5.73 -1.73
N PHE B 259 -8.55 -6.35 -2.82
CA PHE B 259 -8.46 -7.80 -2.97
C PHE B 259 -7.03 -8.30 -3.02
N VAL B 260 -6.05 -7.40 -3.19
CA VAL B 260 -4.67 -7.82 -3.10
C VAL B 260 -4.36 -8.37 -1.71
N TYR B 261 -5.03 -7.86 -0.69
CA TYR B 261 -4.91 -8.40 0.65
C TYR B 261 -5.67 -9.72 0.77
N PRO B 262 -5.37 -10.53 1.79
CA PRO B 262 -6.22 -11.70 2.06
C PRO B 262 -7.66 -11.28 2.27
N HIS B 263 -8.57 -12.03 1.67
CA HIS B 263 -9.95 -11.58 1.57
C HIS B 263 -10.89 -12.77 1.43
N GLN B 264 -12.17 -12.49 1.71
CA GLN B 264 -13.25 -13.44 1.50
C GLN B 264 -14.49 -12.68 1.05
N ILE B 265 -15.35 -13.37 0.31
CA ILE B 265 -16.60 -12.80 -0.17
C ILE B 265 -17.74 -13.68 0.32
N ILE B 266 -18.74 -13.06 0.95
CA ILE B 266 -19.95 -13.74 1.39
C ILE B 266 -21.07 -13.27 0.49
N ASN B 267 -21.56 -14.16 -0.37
CA ASN B 267 -22.68 -13.89 -1.26
C ASN B 267 -23.88 -14.65 -0.74
N LEU B 268 -24.97 -13.94 -0.47
CA LEU B 268 -26.11 -14.55 0.21
C LEU B 268 -26.75 -15.67 -0.61
N ARG B 269 -26.56 -15.68 -1.93
CA ARG B 269 -27.17 -16.70 -2.76
C ARG B 269 -26.36 -17.98 -2.81
N THR B 270 -25.12 -17.97 -2.32
CA THR B 270 -24.26 -19.15 -2.36
C THR B 270 -23.84 -19.61 -0.97
N ASN B 271 -23.35 -18.71 -0.12
CA ASN B 271 -22.83 -19.08 1.19
C ASN B 271 -23.35 -18.11 2.23
N ASN B 272 -23.07 -18.42 3.50
CA ASN B 272 -23.53 -17.62 4.62
C ASN B 272 -22.44 -17.38 5.66
N SER B 273 -21.20 -17.78 5.40
CA SER B 273 -20.14 -17.64 6.38
C SER B 273 -18.80 -17.52 5.66
N ALA B 274 -17.82 -16.97 6.38
CA ALA B 274 -16.47 -16.82 5.86
C ALA B 274 -15.48 -17.16 6.96
N THR B 275 -14.32 -17.68 6.55
CA THR B 275 -13.26 -18.07 7.47
C THR B 275 -11.91 -17.67 6.91
N ILE B 276 -11.05 -17.12 7.77
CA ILE B 276 -9.70 -16.74 7.39
C ILE B 276 -8.75 -17.14 8.52
N VAL B 277 -7.53 -17.49 8.14
CA VAL B 277 -6.47 -17.83 9.08
C VAL B 277 -5.31 -16.87 8.85
N LEU B 278 -4.91 -16.15 9.90
CA LEU B 278 -3.89 -15.11 9.81
C LEU B 278 -2.68 -15.52 10.63
N PRO B 279 -1.51 -15.70 10.03
CA PRO B 279 -0.29 -15.91 10.83
C PRO B 279 0.24 -14.59 11.37
N TYR B 280 1.22 -14.71 12.26
CA TYR B 280 1.84 -13.53 12.85
C TYR B 280 2.76 -12.87 11.82
N VAL B 281 2.51 -11.60 11.55
CA VAL B 281 3.27 -10.83 10.56
C VAL B 281 3.77 -9.56 11.22
N ASN B 282 5.09 -9.33 11.14
CA ASN B 282 5.71 -8.14 11.71
C ASN B 282 7.18 -8.16 11.33
N ALA B 283 7.80 -6.99 11.42
CA ALA B 283 9.23 -6.87 11.16
C ALA B 283 10.08 -7.48 12.27
N MET B 284 9.49 -7.81 13.41
CA MET B 284 10.19 -8.42 14.52
C MET B 284 9.50 -9.72 14.92
N ALA B 285 10.28 -10.63 15.49
CA ALA B 285 9.74 -11.93 15.88
C ALA B 285 8.66 -11.77 16.94
N ILE B 286 8.88 -10.90 17.92
CA ILE B 286 7.93 -10.66 19.01
C ILE B 286 7.90 -9.17 19.30
N ASP B 287 6.72 -8.66 19.62
CA ASP B 287 6.55 -7.23 19.83
C ASP B 287 5.41 -7.00 20.83
N SER B 288 5.40 -5.80 21.40
CA SER B 288 4.37 -5.44 22.36
C SER B 288 2.99 -5.43 21.71
N MET B 289 1.99 -5.90 22.44
CA MET B 289 0.62 -5.95 21.94
C MET B 289 -0.20 -4.72 22.30
N VAL B 290 0.26 -3.92 23.28
CA VAL B 290 -0.56 -2.81 23.76
C VAL B 290 -0.42 -1.60 22.85
N LYS B 291 0.82 -1.24 22.50
CA LYS B 291 1.08 -0.03 21.72
C LYS B 291 1.11 -0.29 20.22
N HIS B 292 0.95 -1.53 19.78
CA HIS B 292 1.00 -1.85 18.35
C HIS B 292 -0.04 -2.90 18.04
N ASN B 293 -0.80 -2.68 16.97
CA ASN B 293 -1.79 -3.62 16.47
C ASN B 293 -1.27 -4.25 15.18
N ASN B 294 -1.31 -5.59 15.13
CA ASN B 294 -0.72 -6.31 14.02
C ASN B 294 -1.66 -6.48 12.84
N TRP B 295 -2.98 -6.59 13.08
CA TRP B 295 -3.92 -6.89 12.01
C TRP B 295 -5.11 -5.94 12.06
N GLY B 296 -5.72 -5.76 10.90
CA GLY B 296 -6.99 -5.04 10.81
C GLY B 296 -7.98 -5.84 9.99
N ILE B 297 -9.24 -5.81 10.41
CA ILE B 297 -10.32 -6.51 9.73
C ILE B 297 -11.31 -5.47 9.23
N ALA B 298 -11.62 -5.52 7.93
CA ALA B 298 -12.56 -4.59 7.33
C ALA B 298 -13.66 -5.35 6.64
N ILE B 299 -14.91 -5.00 6.93
CA ILE B 299 -16.08 -5.60 6.30
C ILE B 299 -16.86 -4.51 5.61
N LEU B 300 -17.09 -4.67 4.30
CA LEU B 300 -17.83 -3.67 3.55
C LEU B 300 -18.89 -4.32 2.66
N PRO B 301 -20.03 -3.66 2.48
CA PRO B 301 -21.06 -4.19 1.56
C PRO B 301 -20.73 -3.85 0.12
N LEU B 302 -20.36 -4.88 -0.65
CA LEU B 302 -20.09 -4.66 -2.06
C LEU B 302 -21.37 -4.43 -2.86
N SER B 303 -22.47 -5.07 -2.45
CA SER B 303 -23.76 -4.87 -3.06
C SER B 303 -24.78 -4.55 -1.97
N PRO B 304 -25.71 -3.63 -2.23
CA PRO B 304 -26.68 -3.26 -1.19
C PRO B 304 -27.61 -4.40 -0.85
N LEU B 305 -28.08 -4.40 0.39
CA LEU B 305 -29.01 -5.41 0.87
C LEU B 305 -30.43 -5.09 0.38
N ASP B 306 -31.16 -6.14 0.00
CA ASP B 306 -32.53 -5.99 -0.45
C ASP B 306 -33.30 -7.27 -0.12
N PHE B 307 -34.63 -7.12 -0.03
CA PHE B 307 -35.50 -8.25 0.27
C PHE B 307 -36.86 -7.98 -0.34
N ALA B 308 -37.28 -8.85 -1.27
CA ALA B 308 -38.56 -8.69 -1.95
C ALA B 308 -38.72 -7.25 -2.45
N GLN B 309 -39.71 -6.54 -1.92
CA GLN B 309 -39.91 -5.13 -2.24
C GLN B 309 -40.11 -4.31 -0.97
N GLU B 310 -39.55 -4.78 0.14
CA GLU B 310 -39.67 -4.08 1.41
C GLU B 310 -38.78 -2.85 1.44
N SER B 311 -39.25 -1.81 2.12
CA SER B 311 -38.50 -0.56 2.18
C SER B 311 -37.29 -0.67 3.11
N SER B 312 -37.45 -1.35 4.24
CA SER B 312 -36.40 -1.45 5.25
C SER B 312 -36.05 -2.92 5.48
N VAL B 313 -34.76 -3.22 5.49
CA VAL B 313 -34.27 -4.57 5.74
C VAL B 313 -33.06 -4.47 6.66
N GLU B 314 -33.01 -5.37 7.65
CA GLU B 314 -31.90 -5.42 8.59
C GLU B 314 -31.61 -6.88 8.93
N ILE B 315 -30.33 -7.25 8.93
CA ILE B 315 -29.94 -8.61 9.33
C ILE B 315 -28.68 -8.53 10.18
N PRO B 316 -28.52 -9.50 11.08
CA PRO B 316 -27.36 -9.48 11.98
C PRO B 316 -26.11 -10.07 11.35
N ILE B 317 -24.97 -9.51 11.74
CA ILE B 317 -23.65 -10.00 11.36
C ILE B 317 -22.85 -10.23 12.63
N THR B 318 -22.21 -11.39 12.74
CA THR B 318 -21.47 -11.77 13.93
C THR B 318 -20.04 -12.13 13.55
N VAL B 319 -19.12 -11.87 14.47
CA VAL B 319 -17.69 -12.10 14.27
C VAL B 319 -17.16 -12.90 15.46
N THR B 320 -16.38 -13.93 15.17
CA THR B 320 -15.73 -14.74 16.19
C THR B 320 -14.24 -14.85 15.85
N ILE B 321 -13.40 -14.79 16.89
CA ILE B 321 -11.95 -14.78 16.71
C ILE B 321 -11.32 -15.75 17.70
N ALA B 322 -10.38 -16.55 17.20
CA ALA B 322 -9.67 -17.53 18.03
C ALA B 322 -8.17 -17.28 17.95
N PRO B 323 -7.50 -16.95 19.05
CA PRO B 323 -6.04 -16.89 19.03
C PRO B 323 -5.45 -18.28 18.84
N MET B 324 -4.27 -18.30 18.22
CA MET B 324 -3.57 -19.55 17.91
C MET B 324 -2.07 -19.35 18.12
N CYS B 325 -1.44 -20.31 18.78
CA CYS B 325 0.01 -20.32 18.99
C CYS B 325 0.48 -18.98 19.57
N SER B 326 0.00 -18.68 20.77
CA SER B 326 0.29 -17.43 21.45
C SER B 326 1.44 -17.61 22.43
N GLU B 327 2.37 -16.66 22.41
CA GLU B 327 3.51 -16.64 23.31
C GLU B 327 3.57 -15.29 24.03
N PHE B 328 4.04 -15.31 25.27
CA PHE B 328 4.18 -14.10 26.06
C PHE B 328 5.51 -14.15 26.81
N ASN B 329 6.09 -12.97 27.03
CA ASN B 329 7.36 -12.86 27.74
C ASN B 329 7.44 -11.50 28.42
N GLY B 330 8.27 -11.42 29.45
CA GLY B 330 8.46 -10.18 30.18
C GLY B 330 7.44 -9.96 31.28
N LEU B 331 7.35 -10.92 32.20
CA LEU B 331 6.36 -10.82 33.28
C LEU B 331 6.72 -9.70 34.24
N ARG B 332 5.71 -8.94 34.63
CA ARG B 332 5.87 -7.82 35.57
C ARG B 332 4.46 -7.37 35.97
N ASN B 333 4.39 -6.27 36.73
CA ASN B 333 3.11 -5.77 37.19
C ASN B 333 2.20 -5.45 36.00
N VAL B 334 0.91 -5.32 36.29
CA VAL B 334 -0.11 -5.25 35.26
C VAL B 334 -0.17 -3.84 34.68
N THR B 335 -0.43 -3.75 33.38
CA THR B 335 -0.62 -2.46 32.70
C THR B 335 -2.09 -2.08 32.73
N ALA B 336 -2.35 -0.80 32.95
CA ALA B 336 -3.71 -0.27 33.07
C ALA B 336 -3.85 0.96 32.17
N PRO B 337 -4.08 0.74 30.88
CA PRO B 337 -4.26 1.89 29.97
C PRO B 337 -5.52 2.68 30.31
N LYS B 338 -5.47 3.98 30.02
CA LYS B 338 -6.57 4.89 30.29
C LYS B 338 -7.40 5.04 29.03
N PHE B 339 -8.55 4.35 28.99
CA PHE B 339 -9.49 4.46 27.88
C PHE B 339 -10.60 5.39 28.32
N GLN B 340 -10.41 6.68 28.06
CA GLN B 340 -11.38 7.71 28.45
C GLN B 340 -11.57 7.76 29.96
N GLY C 1 53.31 5.55 -13.99
CA GLY C 1 52.74 4.20 -13.73
C GLY C 1 52.24 3.53 -14.99
N LEU C 2 51.10 2.87 -14.87
CA LEU C 2 50.51 2.17 -16.02
C LEU C 2 49.92 3.18 -16.99
N PRO C 3 50.36 3.21 -18.25
CA PRO C 3 49.74 4.12 -19.22
C PRO C 3 48.26 3.84 -19.38
N VAL C 4 47.47 4.91 -19.50
CA VAL C 4 46.03 4.81 -19.66
C VAL C 4 45.55 5.90 -20.61
N LEU C 5 44.35 5.69 -21.16
CA LEU C 5 43.74 6.63 -22.08
C LEU C 5 42.27 6.79 -21.71
N ASN C 6 41.85 8.03 -21.48
CA ASN C 6 40.47 8.29 -21.07
C ASN C 6 39.55 8.32 -22.29
N THR C 7 38.45 7.59 -22.22
CA THR C 7 37.49 7.47 -23.30
C THR C 7 36.30 8.37 -23.07
N PRO C 8 35.47 8.57 -24.09
CA PRO C 8 34.26 9.38 -23.91
C PRO C 8 33.34 8.77 -22.86
N GLY C 9 32.61 9.64 -22.17
CA GLY C 9 31.74 9.22 -21.09
C GLY C 9 32.38 9.24 -19.72
N SER C 10 33.63 9.63 -19.61
CA SER C 10 34.29 9.71 -18.31
C SER C 10 33.72 10.86 -17.48
N ASN C 11 33.62 10.63 -16.17
CA ASN C 11 33.16 11.63 -15.22
C ASN C 11 31.71 12.05 -15.42
N GLN C 12 30.91 11.20 -16.06
CA GLN C 12 29.48 11.42 -16.20
C GLN C 12 28.71 10.55 -15.21
N TYR C 13 27.49 10.99 -14.89
CA TYR C 13 26.62 10.28 -13.98
C TYR C 13 25.38 9.82 -14.73
N LEU C 14 25.24 8.50 -14.89
CA LEU C 14 24.06 7.88 -15.49
C LEU C 14 23.26 7.22 -14.36
N THR C 15 22.00 7.61 -14.22
CA THR C 15 21.18 7.11 -13.12
C THR C 15 20.97 5.61 -13.19
N SER C 16 21.13 5.00 -14.36
CA SER C 16 20.95 3.56 -14.54
C SER C 16 22.27 2.80 -14.53
N ASP C 17 23.37 3.45 -14.18
CA ASP C 17 24.66 2.77 -14.16
C ASP C 17 24.73 1.78 -12.99
N ASN C 18 25.66 0.84 -13.10
CA ASN C 18 25.87 -0.20 -12.10
C ASN C 18 27.37 -0.32 -11.84
N TYR C 19 27.87 0.46 -10.88
CA TYR C 19 29.28 0.46 -10.50
C TYR C 19 29.41 0.27 -9.00
N GLN C 20 30.64 0.01 -8.56
CA GLN C 20 30.95 -0.14 -7.15
C GLN C 20 31.35 1.21 -6.55
N SER C 21 31.05 1.37 -5.27
CA SER C 21 31.36 2.58 -4.54
C SER C 21 31.84 2.24 -3.14
N PRO C 22 32.63 3.10 -2.52
CA PRO C 22 33.11 2.82 -1.16
C PRO C 22 31.98 2.87 -0.14
N CYS C 23 32.16 2.12 0.95
CA CYS C 23 31.19 2.06 2.03
C CYS C 23 31.60 3.02 3.14
N ALA C 24 30.64 3.81 3.62
CA ALA C 24 30.91 4.81 4.64
C ALA C 24 30.87 4.24 6.06
N ILE C 25 30.40 3.02 6.24
CA ILE C 25 30.31 2.41 7.57
C ILE C 25 30.93 1.02 7.51
N PRO C 26 32.25 0.91 7.40
CA PRO C 26 32.88 -0.41 7.33
C PRO C 26 32.72 -1.20 8.63
N GLU C 27 32.69 -2.51 8.49
CA GLU C 27 32.60 -3.42 9.64
C GLU C 27 31.29 -3.20 10.41
N PHE C 28 30.17 -3.32 9.70
CA PHE C 28 28.86 -3.17 10.31
C PHE C 28 28.21 -4.54 10.47
N ASP C 29 27.69 -4.80 11.66
CA ASP C 29 27.03 -6.08 11.96
C ASP C 29 25.58 -5.98 11.55
N VAL C 30 25.25 -6.49 10.36
CA VAL C 30 23.89 -6.39 9.85
C VAL C 30 22.98 -7.37 10.59
N THR C 31 21.77 -6.90 10.92
CA THR C 31 20.81 -7.76 11.59
C THR C 31 20.36 -8.86 10.63
N PRO C 32 20.43 -10.14 11.03
CA PRO C 32 20.03 -11.21 10.12
C PRO C 32 18.56 -11.16 9.82
N PRO C 33 18.14 -11.61 8.64
CA PRO C 33 16.71 -11.58 8.30
C PRO C 33 15.96 -12.77 8.90
N ILE C 34 14.64 -12.70 8.82
CA ILE C 34 13.76 -13.77 9.25
C ILE C 34 12.79 -14.08 8.13
N ASP C 35 12.04 -15.16 8.30
CA ASP C 35 11.08 -15.62 7.30
C ASP C 35 9.75 -14.92 7.56
N ILE C 36 9.48 -13.87 6.79
CA ILE C 36 8.24 -13.10 6.90
C ILE C 36 7.30 -13.57 5.80
N PRO C 37 6.04 -13.90 6.11
CA PRO C 37 5.11 -14.30 5.06
C PRO C 37 4.87 -13.17 4.06
N GLY C 38 4.61 -13.55 2.81
CA GLY C 38 4.24 -12.60 1.79
C GLY C 38 5.39 -12.06 0.95
N GLU C 39 6.49 -12.79 0.84
CA GLU C 39 7.61 -12.33 0.03
C GLU C 39 7.23 -12.31 -1.44
N VAL C 40 7.69 -11.27 -2.14
CA VAL C 40 7.38 -11.06 -3.56
C VAL C 40 8.69 -11.02 -4.33
N LYS C 41 8.76 -11.79 -5.42
CA LYS C 41 9.95 -11.84 -6.26
C LYS C 41 9.81 -11.08 -7.57
N ASN C 42 8.60 -10.99 -8.13
CA ASN C 42 8.39 -10.33 -9.41
C ASN C 42 7.13 -9.47 -9.33
N MET C 43 7.17 -8.36 -10.07
CA MET C 43 6.00 -7.46 -10.09
C MET C 43 4.82 -8.08 -10.82
N MET C 44 5.10 -8.95 -11.81
CA MET C 44 4.00 -9.61 -12.52
C MET C 44 3.12 -10.41 -11.57
N GLU C 45 3.69 -10.90 -10.47
CA GLU C 45 2.89 -11.62 -9.48
C GLU C 45 1.74 -10.76 -8.97
N LEU C 46 1.94 -9.45 -8.88
CA LEU C 46 0.86 -8.56 -8.46
C LEU C 46 -0.18 -8.40 -9.56
N ALA C 47 0.24 -8.46 -10.83
CA ALA C 47 -0.70 -8.32 -11.93
C ALA C 47 -1.58 -9.55 -12.11
N GLU C 48 -1.20 -10.68 -11.53
CA GLU C 48 -1.98 -11.90 -11.61
C GLU C 48 -3.08 -11.98 -10.56
N ILE C 49 -3.20 -10.98 -9.69
CA ILE C 49 -4.23 -10.95 -8.66
C ILE C 49 -5.45 -10.21 -9.19
N ASP C 50 -6.60 -10.84 -9.12
CA ASP C 50 -7.83 -10.23 -9.61
C ASP C 50 -8.24 -9.05 -8.75
N THR C 51 -8.70 -7.99 -9.39
CA THR C 51 -9.19 -6.79 -8.72
C THR C 51 -10.41 -6.27 -9.43
N MET C 52 -11.27 -5.58 -8.70
CA MET C 52 -12.53 -5.10 -9.25
C MET C 52 -12.29 -4.02 -10.30
N ILE C 53 -13.25 -3.90 -11.21
CA ILE C 53 -13.21 -2.96 -12.32
C ILE C 53 -14.27 -1.89 -12.08
N PRO C 54 -13.93 -0.60 -12.08
CA PRO C 54 -14.97 0.43 -12.00
C PRO C 54 -15.72 0.58 -13.32
N LEU C 55 -16.62 -0.37 -13.59
CA LEU C 55 -17.30 -0.40 -14.88
C LEU C 55 -18.16 0.84 -15.08
N ASN C 56 -18.89 1.25 -14.05
CA ASN C 56 -19.84 2.36 -14.16
C ASN C 56 -19.14 3.65 -13.75
N LEU C 57 -18.73 4.45 -14.74
CA LEU C 57 -18.04 5.71 -14.50
C LEU C 57 -18.92 6.90 -14.90
N GLU C 58 -20.22 6.82 -14.61
CA GLU C 58 -21.11 7.93 -14.90
C GLU C 58 -20.78 9.12 -14.01
N ASN C 59 -21.34 10.28 -14.38
CA ASN C 59 -21.00 11.52 -13.67
C ASN C 59 -21.41 11.45 -12.21
N THR C 60 -22.60 10.93 -11.92
CA THR C 60 -23.12 10.88 -10.57
C THR C 60 -22.72 9.62 -9.80
N LYS C 61 -22.01 8.69 -10.44
CA LYS C 61 -21.61 7.45 -9.81
C LYS C 61 -20.11 7.24 -9.72
N ARG C 62 -19.30 7.95 -10.51
CA ARG C 62 -17.87 7.80 -10.43
C ARG C 62 -17.35 8.33 -9.10
N ASN C 63 -16.23 7.77 -8.65
CA ASN C 63 -15.64 8.11 -7.35
C ASN C 63 -16.62 7.79 -6.22
N THR C 64 -17.28 6.65 -6.35
CA THR C 64 -18.27 6.21 -5.37
C THR C 64 -18.40 4.69 -5.49
N MET C 65 -18.87 4.06 -4.41
CA MET C 65 -18.99 2.61 -4.39
C MET C 65 -19.79 2.11 -5.58
N ASP C 66 -20.86 2.83 -5.94
CA ASP C 66 -21.74 2.37 -7.01
C ASP C 66 -21.02 2.23 -8.34
N MET C 67 -19.84 2.84 -8.49
CA MET C 67 -19.08 2.71 -9.72
C MET C 67 -18.55 1.30 -9.93
N TYR C 68 -18.61 0.44 -8.91
CA TYR C 68 -18.17 -0.94 -9.04
C TYR C 68 -19.32 -1.91 -9.33
N ARG C 69 -20.53 -1.40 -9.54
CA ARG C 69 -21.72 -2.22 -9.69
C ARG C 69 -22.36 -1.95 -11.05
N VAL C 70 -22.84 -3.01 -11.70
CA VAL C 70 -23.59 -2.91 -12.95
C VAL C 70 -24.99 -3.45 -12.69
N THR C 71 -26.00 -2.66 -13.06
CA THR C 71 -27.39 -3.02 -12.76
C THR C 71 -27.94 -3.98 -13.80
N LEU C 72 -28.72 -4.96 -13.32
CA LEU C 72 -29.43 -5.91 -14.16
C LEU C 72 -30.88 -5.98 -13.70
N SER C 73 -31.78 -6.20 -14.65
CA SER C 73 -33.20 -6.21 -14.35
C SER C 73 -33.91 -7.13 -15.34
N ASP C 74 -35.12 -7.55 -14.96
CA ASP C 74 -35.93 -8.41 -15.80
C ASP C 74 -36.76 -7.65 -16.83
N SER C 75 -36.76 -6.32 -16.78
CA SER C 75 -37.50 -5.50 -17.71
C SER C 75 -36.60 -4.65 -18.59
N ALA C 76 -35.33 -5.06 -18.74
CA ALA C 76 -34.38 -4.30 -19.54
C ALA C 76 -34.55 -4.60 -21.03
N ASP C 77 -34.09 -3.66 -21.84
CA ASP C 77 -34.14 -3.82 -23.30
C ASP C 77 -33.16 -4.92 -23.71
N LEU C 78 -33.70 -6.03 -24.23
CA LEU C 78 -32.87 -7.17 -24.56
C LEU C 78 -32.05 -6.93 -25.83
N SER C 79 -32.38 -5.91 -26.62
CA SER C 79 -31.68 -5.63 -27.86
C SER C 79 -30.48 -4.71 -27.69
N GLN C 80 -30.26 -4.18 -26.48
CA GLN C 80 -29.17 -3.26 -26.24
C GLN C 80 -28.09 -3.90 -25.37
N PRO C 81 -26.83 -3.49 -25.53
CA PRO C 81 -25.76 -4.10 -24.72
C PRO C 81 -25.87 -3.71 -23.26
N ILE C 82 -25.34 -4.60 -22.41
CA ILE C 82 -25.30 -4.31 -20.98
C ILE C 82 -24.09 -3.44 -20.65
N LEU C 83 -22.92 -3.80 -21.18
CA LEU C 83 -21.72 -3.00 -20.98
C LEU C 83 -20.79 -3.24 -22.16
N CYS C 84 -19.90 -2.27 -22.39
CA CYS C 84 -18.97 -2.33 -23.51
C CYS C 84 -17.72 -1.53 -23.15
N PHE C 85 -16.56 -2.06 -23.54
CA PHE C 85 -15.31 -1.33 -23.35
C PHE C 85 -14.28 -1.86 -24.33
N SER C 86 -13.07 -1.30 -24.25
CA SER C 86 -11.98 -1.63 -25.15
C SER C 86 -10.86 -2.34 -24.41
N LEU C 87 -10.13 -3.19 -25.13
CA LEU C 87 -9.03 -3.96 -24.55
C LEU C 87 -7.76 -3.11 -24.54
N SER C 88 -7.79 -2.09 -23.69
CA SER C 88 -6.65 -1.19 -23.46
C SER C 88 -6.34 -1.22 -21.97
N PRO C 89 -5.52 -2.17 -21.52
CA PRO C 89 -5.35 -2.36 -20.07
C PRO C 89 -4.83 -1.15 -19.33
N ALA C 90 -3.99 -0.33 -19.97
CA ALA C 90 -3.30 0.75 -19.27
C ALA C 90 -3.83 2.14 -19.59
N SER C 91 -4.57 2.31 -20.69
CA SER C 91 -5.07 3.61 -21.09
C SER C 91 -6.57 3.77 -20.93
N ASP C 92 -7.33 2.69 -20.97
CA ASP C 92 -8.77 2.79 -20.77
C ASP C 92 -9.04 3.24 -19.33
N PRO C 93 -9.88 4.25 -19.12
CA PRO C 93 -10.13 4.70 -17.74
C PRO C 93 -10.69 3.62 -16.83
N ARG C 94 -11.50 2.71 -17.37
CA ARG C 94 -12.08 1.65 -16.56
C ARG C 94 -11.08 0.56 -16.19
N LEU C 95 -9.95 0.48 -16.89
CA LEU C 95 -8.92 -0.51 -16.60
C LEU C 95 -7.60 0.11 -16.17
N SER C 96 -7.39 1.40 -16.38
CA SER C 96 -6.10 2.01 -16.09
C SER C 96 -5.78 1.98 -14.60
N HIS C 97 -6.77 2.23 -13.76
CA HIS C 97 -6.55 2.35 -12.32
C HIS C 97 -6.62 1.01 -11.58
N THR C 98 -6.85 -0.08 -12.28
CA THR C 98 -6.76 -1.39 -11.66
C THR C 98 -5.31 -1.73 -11.34
N MET C 99 -5.11 -2.76 -10.52
CA MET C 99 -3.76 -3.15 -10.15
C MET C 99 -2.94 -3.50 -11.39
N LEU C 100 -3.53 -4.24 -12.32
CA LEU C 100 -2.87 -4.51 -13.59
C LEU C 100 -2.50 -3.21 -14.29
N GLY C 101 -3.45 -2.27 -14.36
CA GLY C 101 -3.17 -1.00 -15.01
C GLY C 101 -2.13 -0.18 -14.27
N GLU C 102 -2.18 -0.20 -12.93
CA GLU C 102 -1.18 0.53 -12.15
C GLU C 102 0.21 -0.01 -12.40
N VAL C 103 0.35 -1.33 -12.46
CA VAL C 103 1.66 -1.92 -12.74
C VAL C 103 2.09 -1.60 -14.17
N LEU C 104 1.16 -1.66 -15.12
CA LEU C 104 1.50 -1.41 -16.52
C LEU C 104 1.92 0.04 -16.75
N ASN C 105 1.34 0.98 -16.02
CA ASN C 105 1.68 2.39 -16.23
C ASN C 105 3.13 2.68 -15.90
N TYR C 106 3.82 1.80 -15.19
CA TYR C 106 5.24 1.94 -14.94
C TYR C 106 6.10 1.33 -16.06
N TYR C 107 5.49 0.73 -17.07
CA TYR C 107 6.20 0.12 -18.18
C TYR C 107 5.61 0.62 -19.49
N THR C 108 6.42 0.55 -20.54
CA THR C 108 6.02 1.05 -21.85
C THR C 108 5.43 -0.01 -22.77
N HIS C 109 5.88 -1.25 -22.70
CA HIS C 109 5.36 -2.29 -23.57
C HIS C 109 4.82 -3.45 -22.74
N TRP C 110 3.78 -4.11 -23.26
CA TRP C 110 3.16 -5.25 -22.60
C TRP C 110 2.78 -6.29 -23.64
N ALA C 111 2.69 -7.54 -23.19
CA ALA C 111 2.25 -8.62 -24.05
C ALA C 111 1.71 -9.76 -23.20
N GLY C 112 0.67 -10.42 -23.70
CA GLY C 112 0.11 -11.57 -23.01
C GLY C 112 -1.41 -11.65 -23.04
N SER C 113 -1.96 -12.72 -22.51
CA SER C 113 -3.40 -12.92 -22.45
C SER C 113 -3.96 -12.36 -21.15
N LEU C 114 -5.28 -12.23 -21.11
CA LEU C 114 -5.97 -11.65 -19.96
C LEU C 114 -7.13 -12.56 -19.54
N LYS C 115 -7.55 -12.40 -18.29
CA LYS C 115 -8.66 -13.17 -17.74
C LYS C 115 -9.65 -12.20 -17.10
N PHE C 116 -10.91 -12.28 -17.52
CA PHE C 116 -11.98 -11.47 -16.97
C PHE C 116 -12.96 -12.37 -16.23
N THR C 117 -13.45 -11.89 -15.09
CA THR C 117 -14.40 -12.62 -14.27
C THR C 117 -15.59 -11.74 -13.97
N PHE C 118 -16.78 -12.35 -13.95
CA PHE C 118 -18.01 -11.64 -13.65
C PHE C 118 -18.77 -12.38 -12.57
N LEU C 119 -19.20 -11.65 -11.55
CA LEU C 119 -19.89 -12.21 -10.40
C LEU C 119 -21.31 -11.66 -10.35
N PHE C 120 -22.28 -12.56 -10.21
CA PHE C 120 -23.69 -12.22 -10.14
C PHE C 120 -24.14 -12.25 -8.68
N CYS C 121 -24.71 -11.15 -8.22
CA CYS C 121 -25.07 -10.96 -6.82
C CYS C 121 -26.58 -10.80 -6.65
N GLY C 122 -27.35 -11.60 -7.38
CA GLY C 122 -28.79 -11.62 -7.24
C GLY C 122 -29.25 -12.66 -6.23
N SER C 123 -30.56 -12.88 -6.22
CA SER C 123 -31.14 -13.86 -5.32
C SER C 123 -31.00 -15.27 -5.91
N MET C 124 -31.13 -16.26 -5.03
CA MET C 124 -31.03 -17.65 -5.46
C MET C 124 -32.17 -18.07 -6.37
N MET C 125 -33.29 -17.35 -6.34
CA MET C 125 -34.44 -17.66 -7.18
C MET C 125 -34.37 -17.02 -8.56
N ALA C 126 -33.38 -16.16 -8.81
CA ALA C 126 -33.26 -15.51 -10.11
C ALA C 126 -32.52 -16.41 -11.09
N THR C 127 -32.96 -16.39 -12.34
CA THR C 127 -32.36 -17.19 -13.39
C THR C 127 -32.21 -16.35 -14.65
N GLY C 128 -31.23 -16.71 -15.48
CA GLY C 128 -31.01 -16.00 -16.72
C GLY C 128 -29.76 -16.50 -17.40
N LYS C 129 -29.58 -16.00 -18.63
CA LYS C 129 -28.42 -16.37 -19.44
C LYS C 129 -27.85 -15.11 -20.08
N ILE C 130 -26.52 -15.05 -20.15
CA ILE C 130 -25.78 -13.88 -20.63
C ILE C 130 -24.77 -14.35 -21.67
N LEU C 131 -24.36 -13.42 -22.54
CA LEU C 131 -23.35 -13.68 -23.55
C LEU C 131 -22.26 -12.61 -23.43
N VAL C 132 -21.02 -13.05 -23.27
CA VAL C 132 -19.87 -12.17 -23.14
C VAL C 132 -18.95 -12.41 -24.34
N ALA C 133 -18.67 -11.36 -25.10
CA ALA C 133 -17.98 -11.50 -26.38
C ALA C 133 -16.76 -10.59 -26.44
N TYR C 134 -15.73 -11.07 -27.11
CA TYR C 134 -14.53 -10.31 -27.45
C TYR C 134 -14.38 -10.31 -28.96
N ALA C 135 -14.07 -9.14 -29.51
CA ALA C 135 -13.91 -8.96 -30.95
C ALA C 135 -12.54 -8.36 -31.24
N PRO C 136 -11.69 -9.00 -32.05
CA PRO C 136 -10.42 -8.39 -32.42
C PRO C 136 -10.64 -7.14 -33.25
N PRO C 137 -9.65 -6.26 -33.31
CA PRO C 137 -9.83 -4.98 -34.01
C PRO C 137 -9.84 -5.17 -35.52
N GLY C 138 -10.35 -4.14 -36.20
CA GLY C 138 -10.35 -4.12 -37.65
C GLY C 138 -11.71 -3.77 -38.24
N ALA C 139 -12.78 -4.21 -37.59
CA ALA C 139 -14.15 -4.00 -38.07
C ALA C 139 -14.87 -3.04 -37.14
N GLN C 140 -16.12 -2.75 -37.49
CA GLN C 140 -16.92 -1.87 -36.66
C GLN C 140 -17.14 -2.50 -35.29
N PRO C 141 -17.07 -1.71 -34.21
CA PRO C 141 -17.38 -2.27 -32.89
C PRO C 141 -18.78 -2.85 -32.86
N PRO C 142 -18.97 -4.00 -32.23
CA PRO C 142 -20.30 -4.62 -32.24
C PRO C 142 -21.33 -3.76 -31.55
N THR C 143 -22.54 -3.75 -32.11
CA THR C 143 -23.67 -3.04 -31.52
C THR C 143 -24.89 -3.93 -31.31
N SER C 144 -24.81 -5.21 -31.68
CA SER C 144 -25.92 -6.13 -31.51
C SER C 144 -25.37 -7.52 -31.24
N ARG C 145 -26.24 -8.38 -30.72
CA ARG C 145 -25.83 -9.75 -30.41
C ARG C 145 -25.40 -10.51 -31.65
N LYS C 146 -26.06 -10.25 -32.79
CA LYS C 146 -25.72 -10.95 -34.02
C LYS C 146 -24.27 -10.67 -34.43
N GLU C 147 -23.83 -9.41 -34.33
CA GLU C 147 -22.45 -9.09 -34.66
C GLU C 147 -21.49 -9.64 -33.62
N ALA C 148 -21.84 -9.54 -32.33
CA ALA C 148 -20.95 -9.98 -31.27
C ALA C 148 -20.71 -11.50 -31.33
N MET C 149 -21.75 -12.27 -31.62
CA MET C 149 -21.61 -13.72 -31.58
C MET C 149 -20.57 -14.24 -32.57
N LEU C 150 -20.27 -13.47 -33.62
CA LEU C 150 -19.28 -13.88 -34.59
C LEU C 150 -17.85 -13.88 -34.04
N GLY C 151 -17.63 -13.23 -32.89
CA GLY C 151 -16.32 -13.20 -32.26
C GLY C 151 -16.15 -14.32 -31.27
N THR C 152 -15.21 -14.13 -30.35
CA THR C 152 -14.94 -15.12 -29.31
C THR C 152 -15.90 -14.89 -28.16
N HIS C 153 -16.90 -15.75 -28.01
CA HIS C 153 -18.00 -15.51 -27.09
C HIS C 153 -18.18 -16.70 -26.15
N VAL C 154 -18.69 -16.40 -24.96
CA VAL C 154 -18.99 -17.39 -23.93
C VAL C 154 -20.41 -17.13 -23.43
N ILE C 155 -21.14 -18.21 -23.18
CA ILE C 155 -22.50 -18.15 -22.67
C ILE C 155 -22.49 -18.55 -21.21
N TRP C 156 -23.11 -17.73 -20.37
CA TRP C 156 -23.07 -17.86 -18.92
C TRP C 156 -24.48 -18.08 -18.39
N ASP C 157 -24.65 -19.14 -17.59
CA ASP C 157 -25.94 -19.46 -16.97
C ASP C 157 -25.89 -19.01 -15.51
N LEU C 158 -26.72 -18.02 -15.17
CA LEU C 158 -26.69 -17.47 -13.81
C LEU C 158 -27.13 -18.50 -12.78
N GLY C 159 -28.18 -19.27 -13.09
CA GLY C 159 -28.74 -20.16 -12.08
C GLY C 159 -27.76 -21.23 -11.64
N LEU C 160 -27.08 -21.87 -12.60
CA LEU C 160 -26.17 -22.95 -12.24
C LEU C 160 -24.88 -22.41 -11.63
N GLN C 161 -24.35 -21.32 -12.17
CA GLN C 161 -23.10 -20.75 -11.71
C GLN C 161 -23.28 -19.26 -11.47
N SER C 162 -22.84 -18.79 -10.30
CA SER C 162 -22.91 -17.37 -9.96
C SER C 162 -21.71 -16.58 -10.45
N SER C 163 -20.68 -17.25 -10.95
CA SER C 163 -19.48 -16.59 -11.46
C SER C 163 -19.11 -17.17 -12.81
N CYS C 164 -18.58 -16.31 -13.69
CA CYS C 164 -18.13 -16.72 -15.01
C CYS C 164 -16.74 -16.16 -15.27
N THR C 165 -15.96 -16.89 -16.06
CA THR C 165 -14.61 -16.49 -16.42
C THR C 165 -14.42 -16.63 -17.93
N MET C 166 -13.87 -15.58 -18.55
CA MET C 166 -13.55 -15.60 -19.97
C MET C 166 -12.09 -15.20 -20.15
N VAL C 167 -11.36 -15.98 -20.93
CA VAL C 167 -9.95 -15.74 -21.19
C VAL C 167 -9.81 -15.12 -22.57
N VAL C 168 -9.24 -13.92 -22.62
CA VAL C 168 -8.93 -13.25 -23.88
C VAL C 168 -7.50 -13.65 -24.27
N PRO C 169 -7.31 -14.43 -25.33
CA PRO C 169 -5.96 -14.85 -25.69
C PRO C 169 -5.20 -13.76 -26.45
N TRP C 170 -3.89 -13.95 -26.54
CA TRP C 170 -3.02 -13.00 -27.20
C TRP C 170 -3.07 -13.20 -28.70
N ILE C 171 -3.46 -12.16 -29.43
CA ILE C 171 -3.48 -12.16 -30.88
C ILE C 171 -3.10 -10.77 -31.35
N SER C 172 -1.95 -10.63 -32.00
CA SER C 172 -1.46 -9.32 -32.39
C SER C 172 -0.47 -9.48 -33.54
N ASN C 173 -0.39 -8.45 -34.37
CA ASN C 173 0.62 -8.41 -35.42
C ASN C 173 2.00 -8.14 -34.85
N VAL C 174 2.11 -7.21 -33.91
CA VAL C 174 3.39 -6.91 -33.28
C VAL C 174 3.62 -7.85 -32.11
N THR C 175 4.90 -8.04 -31.77
CA THR C 175 5.24 -8.90 -30.64
C THR C 175 4.87 -8.26 -29.32
N TYR C 176 4.95 -6.93 -29.23
CA TYR C 176 4.58 -6.19 -28.03
C TYR C 176 3.68 -5.02 -28.41
N ARG C 177 2.76 -4.69 -27.52
CA ARG C 177 1.85 -3.57 -27.68
C ARG C 177 2.23 -2.44 -26.74
N GLN C 178 2.04 -1.21 -27.19
CA GLN C 178 2.28 -0.05 -26.35
C GLN C 178 1.22 0.06 -25.27
N THR C 179 1.60 0.64 -24.13
CA THR C 179 0.68 0.84 -23.03
C THR C 179 -0.15 2.11 -23.17
N THR C 180 0.08 2.91 -24.20
CA THR C 180 -0.66 4.13 -24.45
C THR C 180 -1.67 3.93 -25.57
N GLN C 181 -2.58 4.90 -25.71
CA GLN C 181 -3.58 4.83 -26.76
C GLN C 181 -2.92 4.99 -28.11
N ASP C 182 -3.19 4.05 -29.01
CA ASP C 182 -2.59 4.05 -30.34
C ASP C 182 -3.37 3.10 -31.24
N SER C 183 -3.78 3.60 -32.41
CA SER C 183 -4.57 2.78 -33.33
C SER C 183 -3.75 1.67 -33.97
N PHE C 184 -2.42 1.83 -34.05
CA PHE C 184 -1.58 0.80 -34.64
C PHE C 184 -1.37 -0.39 -33.72
N THR C 185 -1.68 -0.26 -32.43
CA THR C 185 -1.57 -1.36 -31.47
C THR C 185 -2.89 -1.57 -30.74
N GLU C 186 -4.01 -1.36 -31.42
CA GLU C 186 -5.31 -1.59 -30.82
C GLU C 186 -5.51 -3.07 -30.51
N GLY C 187 -6.23 -3.33 -29.42
CA GLY C 187 -6.37 -4.68 -28.91
C GLY C 187 -7.67 -5.38 -29.26
N GLY C 188 -8.77 -4.63 -29.29
CA GLY C 188 -10.06 -5.19 -29.60
C GLY C 188 -11.14 -4.57 -28.74
N TYR C 189 -12.27 -5.25 -28.64
CA TYR C 189 -13.42 -4.75 -27.91
C TYR C 189 -14.05 -5.88 -27.10
N ILE C 190 -14.68 -5.51 -25.98
CA ILE C 190 -15.36 -6.43 -25.09
C ILE C 190 -16.79 -5.93 -24.92
N SER C 191 -17.76 -6.85 -25.08
CA SER C 191 -19.17 -6.50 -25.01
C SER C 191 -19.94 -7.60 -24.28
N MET C 192 -21.12 -7.23 -23.80
CA MET C 192 -22.00 -8.17 -23.11
C MET C 192 -23.44 -7.95 -23.59
N PHE C 193 -24.20 -9.03 -23.63
CA PHE C 193 -25.59 -8.98 -24.07
C PHE C 193 -26.40 -10.02 -23.30
N TYR C 194 -27.72 -9.82 -23.30
CA TYR C 194 -28.62 -10.81 -22.73
C TYR C 194 -28.82 -11.96 -23.71
N GLN C 195 -28.80 -13.18 -23.18
CA GLN C 195 -29.06 -14.35 -24.01
C GLN C 195 -30.55 -14.68 -24.07
N THR C 196 -31.20 -14.90 -22.92
CA THR C 196 -32.65 -15.05 -22.89
C THR C 196 -33.32 -13.92 -22.13
N ARG C 197 -33.18 -13.86 -20.80
CA ARG C 197 -33.46 -12.68 -19.98
C ARG C 197 -33.31 -13.06 -18.50
N ILE C 198 -33.46 -12.08 -17.62
CA ILE C 198 -33.56 -12.34 -16.19
C ILE C 198 -35.01 -12.66 -15.85
N VAL C 199 -35.23 -13.79 -15.19
CA VAL C 199 -36.56 -14.23 -14.79
C VAL C 199 -36.57 -14.41 -13.28
N VAL C 200 -37.58 -13.83 -12.63
CA VAL C 200 -37.70 -13.92 -11.17
C VAL C 200 -39.13 -14.32 -10.81
N PRO C 201 -39.34 -15.01 -9.67
CA PRO C 201 -40.71 -15.28 -9.23
C PRO C 201 -41.29 -14.13 -8.41
N LEU C 202 -42.51 -14.31 -7.90
CA LEU C 202 -43.13 -13.28 -7.11
C LEU C 202 -42.45 -13.14 -5.75
N SER C 203 -42.65 -11.99 -5.11
CA SER C 203 -42.07 -11.71 -3.80
C SER C 203 -40.55 -11.78 -3.85
N THR C 204 -39.97 -11.38 -4.97
CA THR C 204 -38.53 -11.40 -5.18
C THR C 204 -38.09 -10.10 -5.81
N PRO C 205 -36.89 -9.60 -5.46
CA PRO C 205 -36.42 -8.36 -6.10
C PRO C 205 -36.30 -8.52 -7.61
N LYS C 206 -36.66 -7.45 -8.32
CA LYS C 206 -36.59 -7.44 -9.78
C LYS C 206 -35.32 -6.78 -10.31
N SER C 207 -34.49 -6.22 -9.44
CA SER C 207 -33.24 -5.60 -9.83
C SER C 207 -32.10 -6.20 -9.02
N MET C 208 -30.93 -6.27 -9.65
CA MET C 208 -29.78 -6.91 -9.02
C MET C 208 -28.51 -6.23 -9.54
N SER C 209 -27.39 -6.56 -8.91
CA SER C 209 -26.10 -5.96 -9.22
C SER C 209 -25.09 -7.03 -9.62
N MET C 210 -24.15 -6.64 -10.48
CA MET C 210 -23.11 -7.52 -10.97
C MET C 210 -21.76 -6.82 -10.83
N LEU C 211 -20.73 -7.62 -10.59
CA LEU C 211 -19.37 -7.13 -10.35
C LEU C 211 -18.41 -7.75 -11.36
N GLY C 212 -17.31 -7.03 -11.61
CA GLY C 212 -16.32 -7.49 -12.57
C GLY C 212 -14.91 -7.41 -12.02
N PHE C 213 -14.09 -8.36 -12.48
CA PHE C 213 -12.69 -8.46 -12.06
C PHE C 213 -11.84 -8.75 -13.30
N VAL C 214 -10.57 -8.34 -13.24
CA VAL C 214 -9.63 -8.58 -14.32
C VAL C 214 -8.30 -9.02 -13.73
N SER C 215 -7.56 -9.82 -14.50
CA SER C 215 -6.24 -10.29 -14.07
C SER C 215 -5.45 -10.72 -15.30
N ALA C 216 -4.15 -10.90 -15.09
CA ALA C 216 -3.24 -11.35 -16.13
C ALA C 216 -2.89 -12.82 -15.93
N CYS C 217 -2.61 -13.50 -17.04
CA CYS C 217 -2.27 -14.91 -17.03
C CYS C 217 -0.76 -15.09 -16.85
N ASN C 218 -0.32 -16.35 -16.87
CA ASN C 218 1.08 -16.67 -16.65
C ASN C 218 1.96 -16.35 -17.85
N ASP C 219 1.39 -15.99 -18.99
CA ASP C 219 2.14 -15.65 -20.20
C ASP C 219 2.19 -14.15 -20.43
N PHE C 220 2.28 -13.36 -19.37
CA PHE C 220 2.26 -11.90 -19.44
C PHE C 220 3.64 -11.35 -19.12
N SER C 221 4.08 -10.38 -19.94
CA SER C 221 5.39 -9.79 -19.80
C SER C 221 5.32 -8.30 -20.12
N VAL C 222 6.27 -7.54 -19.59
CA VAL C 222 6.34 -6.10 -19.78
C VAL C 222 7.77 -5.69 -20.11
N ARG C 223 7.90 -4.50 -20.70
CA ARG C 223 9.20 -3.96 -21.09
C ARG C 223 9.25 -2.46 -20.87
N LEU C 224 10.49 -1.97 -20.76
CA LEU C 224 10.81 -0.55 -20.85
C LEU C 224 10.21 0.26 -19.70
N LEU C 225 10.71 0.00 -18.49
CA LEU C 225 10.35 0.76 -17.29
C LEU C 225 10.29 2.26 -17.58
N ARG C 226 9.29 2.91 -17.00
CA ARG C 226 9.12 4.35 -17.17
C ARG C 226 8.23 4.89 -16.05
N ASP C 227 8.28 6.20 -15.87
CA ASP C 227 7.52 6.86 -14.82
C ASP C 227 6.04 6.88 -15.16
N THR C 228 5.21 6.98 -14.11
CA THR C 228 3.76 6.98 -14.23
C THR C 228 3.21 8.40 -14.19
N THR C 229 1.96 8.53 -14.63
CA THR C 229 1.25 9.81 -14.64
C THR C 229 0.21 9.90 -13.53
N HIS C 230 0.15 8.91 -12.64
CA HIS C 230 -0.88 8.84 -11.61
C HIS C 230 -0.49 9.54 -10.33
N ILE C 231 0.73 10.05 -10.21
CA ILE C 231 1.19 10.74 -9.02
C ILE C 231 1.95 12.00 -9.46
N SER C 232 1.67 13.11 -8.77
CA SER C 232 2.30 14.39 -9.10
C SER C 232 2.63 15.12 -7.81
N GLN C 233 3.42 16.18 -7.95
CA GLN C 233 3.82 17.00 -6.81
C GLN C 233 3.96 18.45 -7.27
N SER C 234 3.56 19.38 -6.41
CA SER C 234 3.57 20.80 -6.73
C SER C 234 4.55 21.61 -5.88
N ALA C 235 4.67 21.30 -4.60
CA ALA C 235 5.55 22.04 -3.71
C ALA C 235 6.33 21.07 -2.83
N LEU C 236 7.64 21.28 -2.73
CA LEU C 236 8.47 20.45 -1.87
C LEU C 236 8.20 20.80 -0.41
N PRO C 237 8.32 19.84 0.50
CA PRO C 237 8.11 20.14 1.92
C PRO C 237 9.08 21.20 2.40
N GLN C 238 8.58 22.07 3.28
CA GLN C 238 9.40 23.16 3.83
C GLN C 238 9.95 22.78 5.20
#